data_9CHM
#
_entry.id   9CHM
#
_cell.length_a   1.00
_cell.length_b   1.00
_cell.length_c   1.00
_cell.angle_alpha   90.00
_cell.angle_beta   90.00
_cell.angle_gamma   90.00
#
_symmetry.space_group_name_H-M   'P 1'
#
loop_
_entity.id
_entity.type
_entity.pdbx_description
1 polymer 'Fanconi-associated nuclease 1'
2 polymer 'Proliferating cell nuclear antigen'
#
loop_
_entity_poly.entity_id
_entity_poly.type
_entity_poly.pdbx_seq_one_letter_code
_entity_poly.pdbx_strand_id
1 'polypeptide(L)'
;HPYYLRSFLVVLKTVLENEDDMLLFDEQEKGIVTKFYQLSATGQKLYVRLFQRKLSWIKMTKLEYEEIALDLTPVIEELT
NAGFLQTESELQELSEVLELLSAPELKSLAKTFHLVNPNGQKQQLVDAFLKLAKQHSVCTWGKNKPGIGAVILKRAKALA
GQSVRICKGPRAVFSRILLLFSLT
;
E
2 'polypeptide(L)'
;MFEARLVQGSILKKVLEALKDLINEACWDISSSGVNLQSMDSSHVSLVQLTLRSEGFDTYRCDRNLAMGVNLTSMSKILK
CAGNEDIITLRAEDNADTLALVFEAPNQEKVSDYEMKLMDLDVEQLGIPEQEYSCVVKMPSGEFARICRDLSHIGDAVVI
SCAKDGVKFSASGELGNGNIKLSQTSNVDKEEEAVTIEMNEPVQLTFALRYLNFFTKATPLSSTVTLSMSADVPLVVEYK
IADMGHLKYYLAPKIEDEEGS
;
B,C,D
#
# COMPACT_ATOMS: atom_id res chain seq x y z
N HIS A 1 -41.18 -23.82 -13.09
CA HIS A 1 -42.56 -23.59 -12.69
C HIS A 1 -43.54 -24.33 -13.58
N PRO A 2 -44.53 -24.98 -12.98
CA PRO A 2 -45.59 -25.60 -13.79
C PRO A 2 -46.52 -24.56 -14.39
N TYR A 3 -46.75 -23.48 -13.64
CA TYR A 3 -47.64 -22.42 -14.11
C TYR A 3 -47.10 -21.75 -15.37
N TYR A 4 -45.79 -21.50 -15.40
CA TYR A 4 -45.18 -20.96 -16.61
C TYR A 4 -45.40 -21.89 -17.81
N LEU A 5 -45.13 -23.18 -17.61
CA LEU A 5 -45.43 -24.16 -18.64
C LEU A 5 -46.92 -24.29 -18.92
N ARG A 6 -47.75 -24.32 -17.86
CA ARG A 6 -49.16 -24.57 -18.03
C ARG A 6 -49.82 -23.48 -18.85
N SER A 7 -49.49 -22.22 -18.57
CA SER A 7 -50.22 -21.09 -19.15
C SER A 7 -49.84 -20.83 -20.60
N PHE A 8 -48.58 -20.47 -20.84
CA PHE A 8 -48.11 -20.03 -22.16
C PHE A 8 -48.65 -20.90 -23.28
N LEU A 9 -48.42 -22.21 -23.18
CA LEU A 9 -48.89 -23.14 -24.20
C LEU A 9 -50.41 -23.11 -24.30
N VAL A 10 -51.10 -22.96 -23.17
CA VAL A 10 -52.54 -22.80 -23.16
C VAL A 10 -52.92 -21.52 -23.88
N VAL A 11 -52.21 -20.43 -23.61
CA VAL A 11 -52.50 -19.18 -24.32
C VAL A 11 -52.43 -19.39 -25.82
N LEU A 12 -51.37 -20.06 -26.28
CA LEU A 12 -51.25 -20.30 -27.72
C LEU A 12 -52.37 -21.20 -28.24
N LYS A 13 -52.71 -22.24 -27.50
CA LYS A 13 -53.65 -23.20 -28.05
C LYS A 13 -55.10 -22.74 -27.89
N THR A 14 -55.33 -21.62 -27.20
CA THR A 14 -56.63 -20.96 -27.28
C THR A 14 -56.64 -19.81 -28.31
N VAL A 15 -55.50 -19.17 -28.53
CA VAL A 15 -55.46 -18.14 -29.57
C VAL A 15 -55.47 -18.85 -30.93
N LEU A 16 -55.25 -20.16 -30.90
CA LEU A 16 -55.26 -20.96 -32.12
C LEU A 16 -56.64 -20.98 -32.77
N GLU A 17 -57.70 -21.02 -31.95
CA GLU A 17 -59.04 -21.07 -32.51
C GLU A 17 -59.58 -19.68 -32.77
N ASN A 18 -58.95 -18.97 -33.72
CA ASN A 18 -59.49 -17.69 -34.16
C ASN A 18 -58.99 -17.38 -35.56
N GLU A 19 -59.86 -17.55 -36.56
CA GLU A 19 -59.45 -17.34 -37.95
C GLU A 19 -58.97 -15.91 -38.18
N ASP A 20 -59.44 -14.95 -37.37
CA ASP A 20 -58.92 -13.59 -37.46
C ASP A 20 -57.44 -13.55 -37.10
N ASP A 21 -57.04 -14.34 -36.10
CA ASP A 21 -55.66 -14.32 -35.63
C ASP A 21 -54.70 -14.76 -36.74
N MET A 22 -55.04 -15.84 -37.44
CA MET A 22 -54.28 -16.21 -38.62
C MET A 22 -54.43 -15.22 -39.77
N LEU A 23 -55.59 -14.55 -39.89
CA LEU A 23 -55.71 -13.52 -40.90
C LEU A 23 -54.80 -12.33 -40.65
N LEU A 24 -54.40 -12.09 -39.39
CA LEU A 24 -53.55 -10.97 -39.05
C LEU A 24 -52.10 -11.36 -38.87
N PHE A 25 -51.75 -12.62 -39.07
CA PHE A 25 -50.38 -13.10 -38.95
C PHE A 25 -49.96 -13.74 -40.26
N ASP A 26 -48.74 -13.46 -40.70
CA ASP A 26 -48.27 -13.96 -41.98
C ASP A 26 -47.78 -15.41 -41.84
N GLU A 27 -47.32 -15.97 -42.96
CA GLU A 27 -46.88 -17.36 -42.96
C GLU A 27 -45.59 -17.56 -42.18
N GLN A 28 -44.70 -16.57 -42.20
CA GLN A 28 -43.45 -16.68 -41.47
C GLN A 28 -43.66 -16.79 -39.97
N GLU A 29 -44.55 -15.96 -39.41
CA GLU A 29 -44.89 -16.04 -38.00
C GLU A 29 -45.47 -17.40 -37.66
N LYS A 30 -46.36 -17.90 -38.53
CA LYS A 30 -46.93 -19.22 -38.33
C LYS A 30 -45.84 -20.29 -38.31
N GLY A 31 -44.88 -20.20 -39.22
CA GLY A 31 -43.79 -21.16 -39.24
C GLY A 31 -42.95 -21.10 -37.98
N ILE A 32 -42.70 -19.90 -37.48
CA ILE A 32 -41.96 -19.77 -36.22
C ILE A 32 -42.74 -20.43 -35.09
N VAL A 33 -44.05 -20.24 -35.04
CA VAL A 33 -44.84 -20.82 -33.96
C VAL A 33 -44.88 -22.34 -34.07
N THR A 34 -44.94 -22.85 -35.31
CA THR A 34 -44.84 -24.30 -35.52
C THR A 34 -43.49 -24.83 -35.05
N LYS A 35 -42.40 -24.11 -35.35
CA LYS A 35 -41.11 -24.48 -34.78
C LYS A 35 -41.17 -24.49 -33.26
N PHE A 36 -41.91 -23.55 -32.68
CA PHE A 36 -41.95 -23.43 -31.23
C PHE A 36 -42.64 -24.64 -30.61
N TYR A 37 -43.78 -25.07 -31.17
CA TYR A 37 -44.35 -26.34 -30.69
C TYR A 37 -43.39 -27.49 -30.95
N GLN A 38 -42.73 -27.49 -32.12
CA GLN A 38 -41.79 -28.55 -32.46
C GLN A 38 -40.66 -28.68 -31.44
N LEU A 39 -40.36 -27.61 -30.71
CA LEU A 39 -39.34 -27.65 -29.68
C LEU A 39 -39.65 -28.72 -28.64
N SER A 40 -38.59 -29.26 -28.04
CA SER A 40 -38.73 -30.31 -27.04
C SER A 40 -39.57 -29.83 -25.87
N ALA A 41 -40.29 -30.78 -25.25
CA ALA A 41 -41.16 -30.46 -24.13
C ALA A 41 -40.38 -29.87 -22.97
N THR A 42 -39.25 -30.48 -22.62
CA THR A 42 -38.42 -29.93 -21.55
C THR A 42 -37.62 -28.71 -22.02
N GLY A 43 -37.48 -28.51 -23.33
CA GLY A 43 -36.82 -27.32 -23.84
C GLY A 43 -37.71 -26.09 -23.89
N GLN A 44 -38.98 -26.24 -23.55
CA GLN A 44 -39.91 -25.11 -23.55
C GLN A 44 -39.55 -24.10 -22.46
N LYS A 45 -39.02 -24.59 -21.33
CA LYS A 45 -38.92 -23.76 -20.14
C LYS A 45 -37.93 -22.60 -20.32
N LEU A 46 -36.79 -22.85 -20.97
CA LEU A 46 -35.79 -21.80 -21.08
C LEU A 46 -36.30 -20.63 -21.91
N TYR A 47 -37.00 -20.89 -23.00
CA TYR A 47 -37.63 -19.74 -23.63
C TYR A 47 -38.82 -19.23 -22.89
N VAL A 48 -39.53 -20.04 -22.11
CA VAL A 48 -40.73 -19.58 -21.43
C VAL A 48 -40.36 -18.58 -20.35
N ARG A 49 -39.30 -18.87 -19.59
CA ARG A 49 -38.92 -18.03 -18.45
C ARG A 49 -38.30 -16.71 -18.90
N LEU A 50 -37.19 -16.78 -19.63
CA LEU A 50 -36.39 -15.59 -19.92
C LEU A 50 -37.20 -14.60 -20.75
N PHE A 51 -38.15 -15.09 -21.55
CA PHE A 51 -39.11 -14.20 -22.18
C PHE A 51 -39.85 -13.37 -21.15
N GLN A 52 -40.35 -14.02 -20.10
CA GLN A 52 -41.01 -13.30 -19.01
C GLN A 52 -39.92 -12.79 -18.07
N ARG A 53 -39.00 -11.99 -18.60
CA ARG A 53 -37.87 -11.51 -17.83
C ARG A 53 -37.25 -10.32 -18.55
N LYS A 54 -36.20 -9.78 -17.95
CA LYS A 54 -35.54 -8.59 -18.47
C LYS A 54 -34.74 -8.91 -19.73
N LEU A 55 -34.81 -8.01 -20.72
CA LEU A 55 -34.05 -8.19 -21.96
C LEU A 55 -32.65 -7.61 -21.76
N SER A 56 -31.64 -8.48 -21.72
CA SER A 56 -30.27 -8.02 -21.58
C SER A 56 -29.27 -9.14 -21.89
N TRP A 57 -28.09 -8.77 -22.38
CA TRP A 57 -27.00 -9.73 -22.51
C TRP A 57 -26.58 -10.16 -21.11
N ILE A 58 -26.93 -11.37 -20.71
CA ILE A 58 -26.63 -11.85 -19.37
C ILE A 58 -25.99 -13.23 -19.47
N LYS A 59 -25.01 -13.46 -18.61
CA LYS A 59 -24.19 -14.67 -18.61
C LYS A 59 -24.96 -15.85 -18.02
N MET A 60 -24.62 -17.06 -18.47
CA MET A 60 -25.22 -18.26 -17.93
C MET A 60 -24.73 -18.58 -16.52
N THR A 61 -23.52 -18.14 -16.16
CA THR A 61 -23.00 -18.39 -14.82
C THR A 61 -23.90 -17.82 -13.75
N LYS A 62 -24.63 -16.75 -14.05
CA LYS A 62 -25.63 -16.21 -13.13
C LYS A 62 -26.88 -17.07 -13.04
N LEU A 63 -27.27 -17.73 -14.13
CA LEU A 63 -28.46 -18.57 -14.13
C LEU A 63 -28.31 -19.71 -13.13
N GLU A 64 -29.41 -20.05 -12.46
CA GLU A 64 -29.39 -21.10 -11.44
C GLU A 64 -30.53 -22.08 -11.65
N TYR A 65 -31.40 -21.78 -12.61
CA TYR A 65 -32.58 -22.60 -12.87
C TYR A 65 -32.17 -24.04 -13.17
N GLU A 66 -32.61 -24.96 -12.32
CA GLU A 66 -32.18 -26.35 -12.39
C GLU A 66 -33.31 -27.36 -12.56
N GLU A 67 -34.58 -26.94 -12.51
CA GLU A 67 -35.68 -27.88 -12.53
C GLU A 67 -35.74 -28.64 -13.86
N ILE A 68 -35.00 -28.16 -14.85
CA ILE A 68 -34.80 -28.91 -16.09
C ILE A 68 -33.52 -29.72 -15.97
N ALA A 69 -32.39 -29.03 -15.77
CA ALA A 69 -31.11 -29.69 -15.60
C ALA A 69 -30.07 -28.69 -15.14
N LEU A 70 -29.06 -29.16 -14.41
CA LEU A 70 -27.89 -28.37 -14.05
C LEU A 70 -26.91 -28.20 -15.21
N ASP A 71 -27.01 -29.07 -16.20
CA ASP A 71 -26.11 -29.03 -17.36
C ASP A 71 -26.94 -29.02 -18.64
N LEU A 72 -27.97 -28.20 -18.66
CA LEU A 72 -28.92 -28.14 -19.77
C LEU A 72 -28.34 -27.37 -20.95
N THR A 73 -27.03 -27.24 -20.99
CA THR A 73 -26.30 -26.59 -22.08
C THR A 73 -26.72 -27.11 -23.45
N PRO A 74 -26.85 -28.42 -23.67
CA PRO A 74 -27.30 -28.88 -24.99
C PRO A 74 -28.65 -28.33 -25.40
N VAL A 75 -29.55 -28.09 -24.44
CA VAL A 75 -30.83 -27.48 -24.78
C VAL A 75 -30.60 -26.08 -25.34
N ILE A 76 -29.68 -25.33 -24.73
CA ILE A 76 -29.36 -24.00 -25.23
C ILE A 76 -28.70 -24.09 -26.59
N GLU A 77 -27.90 -25.13 -26.83
CA GLU A 77 -27.35 -25.33 -28.17
C GLU A 77 -28.46 -25.55 -29.19
N GLU A 78 -29.46 -26.35 -28.83
CA GLU A 78 -30.60 -26.55 -29.71
C GLU A 78 -31.33 -25.23 -29.97
N LEU A 79 -31.52 -24.44 -28.92
CA LEU A 79 -32.22 -23.16 -29.06
C LEU A 79 -31.44 -22.21 -29.96
N THR A 80 -30.12 -22.17 -29.80
CA THR A 80 -29.29 -21.34 -30.67
C THR A 80 -29.37 -21.82 -32.11
N ASN A 81 -29.34 -23.13 -32.31
CA ASN A 81 -29.40 -23.68 -33.67
C ASN A 81 -30.74 -23.33 -34.33
N ALA A 82 -31.83 -23.44 -33.58
CA ALA A 82 -33.14 -23.11 -34.14
C ALA A 82 -33.28 -21.61 -34.37
N GLY A 83 -32.59 -20.79 -33.58
CA GLY A 83 -32.61 -19.36 -33.78
C GLY A 83 -33.48 -18.60 -32.81
N PHE A 84 -33.45 -18.97 -31.52
CA PHE A 84 -34.03 -18.16 -30.46
C PHE A 84 -32.94 -17.56 -29.59
N LEU A 85 -32.04 -18.39 -29.06
CA LEU A 85 -31.03 -17.93 -28.11
C LEU A 85 -29.74 -17.60 -28.84
N GLN A 86 -29.58 -16.33 -29.17
CA GLN A 86 -28.30 -15.86 -29.69
C GLN A 86 -27.24 -15.95 -28.59
N THR A 87 -26.23 -16.78 -28.81
CA THR A 87 -25.13 -16.93 -27.88
C THR A 87 -24.15 -15.77 -28.05
N GLU A 88 -22.96 -15.93 -27.44
CA GLU A 88 -21.91 -14.92 -27.51
C GLU A 88 -21.76 -14.42 -28.95
N SER A 89 -21.39 -15.33 -29.86
CA SER A 89 -21.42 -15.12 -31.30
C SER A 89 -21.09 -13.69 -31.70
N GLU A 90 -22.07 -13.01 -32.29
CA GLU A 90 -21.93 -11.59 -32.64
C GLU A 90 -22.15 -10.78 -31.35
N LEU A 91 -21.04 -10.54 -30.65
CA LEU A 91 -21.08 -9.74 -29.44
C LEU A 91 -20.37 -8.40 -29.61
N GLN A 92 -19.92 -8.06 -30.81
CA GLN A 92 -19.13 -6.85 -30.98
C GLN A 92 -20.02 -5.63 -30.84
N GLU A 93 -20.28 -5.23 -29.60
CA GLU A 93 -20.96 -3.99 -29.31
C GLU A 93 -20.51 -3.52 -27.93
N LEU A 94 -19.65 -2.50 -27.92
CA LEU A 94 -18.92 -2.13 -26.71
C LEU A 94 -19.86 -1.84 -25.55
N SER A 95 -20.92 -1.08 -25.81
CA SER A 95 -21.85 -0.73 -24.74
C SER A 95 -22.45 -1.98 -24.10
N GLU A 96 -22.92 -2.91 -24.94
CA GLU A 96 -23.58 -4.10 -24.40
C GLU A 96 -22.65 -4.90 -23.50
N VAL A 97 -21.41 -5.14 -23.93
CA VAL A 97 -20.52 -5.96 -23.13
C VAL A 97 -20.15 -5.24 -21.83
N LEU A 98 -19.98 -3.91 -21.90
CA LEU A 98 -19.73 -3.16 -20.67
C LEU A 98 -20.88 -3.26 -19.69
N GLU A 99 -22.12 -3.22 -20.17
CA GLU A 99 -23.23 -3.49 -19.25
C GLU A 99 -23.16 -4.91 -18.71
N LEU A 100 -22.76 -5.86 -19.57
CA LEU A 100 -22.66 -7.25 -19.14
C LEU A 100 -21.63 -7.41 -18.02
N LEU A 101 -20.50 -6.72 -18.13
CA LEU A 101 -19.43 -6.88 -17.16
C LEU A 101 -19.85 -6.36 -15.79
N SER A 102 -19.27 -6.90 -14.72
CA SER A 102 -19.60 -6.52 -13.36
C SER A 102 -18.73 -5.35 -12.91
N ALA A 103 -19.20 -4.66 -11.87
CA ALA A 103 -18.54 -3.46 -11.36
C ALA A 103 -17.13 -3.74 -10.83
N PRO A 104 -16.92 -4.76 -9.97
CA PRO A 104 -15.55 -5.08 -9.56
C PRO A 104 -14.69 -5.46 -10.76
N GLU A 105 -15.30 -6.16 -11.70
CA GLU A 105 -14.63 -6.53 -12.95
C GLU A 105 -14.27 -5.28 -13.73
N LEU A 106 -15.17 -4.31 -13.74
CA LEU A 106 -14.90 -3.02 -14.38
C LEU A 106 -13.73 -2.32 -13.70
N LYS A 107 -13.68 -2.36 -12.37
CA LYS A 107 -12.57 -1.77 -11.65
C LYS A 107 -11.26 -2.45 -12.03
N SER A 108 -11.29 -3.78 -12.13
CA SER A 108 -10.09 -4.53 -12.52
C SER A 108 -9.65 -4.14 -13.92
N LEU A 109 -10.60 -4.04 -14.85
CA LEU A 109 -10.26 -3.67 -16.21
C LEU A 109 -9.69 -2.26 -16.25
N ALA A 110 -10.20 -1.37 -15.40
CA ALA A 110 -9.61 -0.05 -15.27
C ALA A 110 -8.19 -0.11 -14.75
N LYS A 111 -7.91 -1.01 -13.80
CA LYS A 111 -6.58 -1.12 -13.24
C LYS A 111 -5.55 -1.50 -14.30
N THR A 112 -5.86 -2.49 -15.14
CA THR A 112 -4.95 -2.92 -16.19
C THR A 112 -4.90 -1.94 -17.34
N PHE A 113 -5.71 -0.88 -17.29
CA PHE A 113 -5.59 0.23 -18.22
C PHE A 113 -5.10 1.43 -17.44
N HIS A 114 -4.92 2.54 -18.14
CA HIS A 114 -4.33 3.71 -17.51
C HIS A 114 -5.29 4.89 -17.58
N LEU A 115 -6.54 4.66 -17.21
CA LEU A 115 -7.57 5.68 -17.21
C LEU A 115 -7.31 6.67 -16.06
N VAL A 116 -8.22 7.63 -15.90
CA VAL A 116 -8.12 8.62 -14.85
C VAL A 116 -9.19 8.32 -13.81
N ASN A 117 -8.81 8.35 -12.54
CA ASN A 117 -9.69 8.03 -11.43
C ASN A 117 -10.26 6.64 -11.73
N PRO A 118 -9.47 5.58 -11.57
CA PRO A 118 -10.03 4.23 -11.78
C PRO A 118 -10.78 3.72 -10.55
N ASN A 119 -11.59 4.60 -9.93
CA ASN A 119 -12.43 4.19 -8.81
C ASN A 119 -13.61 5.14 -8.66
N GLY A 120 -14.77 4.75 -9.18
CA GLY A 120 -15.93 5.60 -9.09
C GLY A 120 -17.25 4.85 -9.03
N GLN A 121 -18.24 5.33 -9.78
CA GLN A 121 -19.56 4.72 -9.80
C GLN A 121 -19.76 4.03 -11.14
N LYS A 122 -20.55 2.97 -11.13
CA LYS A 122 -20.61 1.98 -12.20
C LYS A 122 -20.63 2.59 -13.59
N GLN A 123 -21.66 3.39 -13.90
CA GLN A 123 -21.80 3.90 -15.25
C GLN A 123 -20.72 4.92 -15.59
N GLN A 124 -20.20 5.62 -14.57
CA GLN A 124 -19.20 6.65 -14.83
C GLN A 124 -17.95 6.05 -15.45
N LEU A 125 -17.51 4.89 -14.96
CA LEU A 125 -16.43 4.18 -15.63
C LEU A 125 -16.83 3.76 -17.03
N VAL A 126 -18.10 3.45 -17.26
CA VAL A 126 -18.53 3.01 -18.58
C VAL A 126 -18.36 4.13 -19.60
N ASP A 127 -18.86 5.33 -19.31
CA ASP A 127 -18.65 6.40 -20.26
C ASP A 127 -17.22 6.89 -20.27
N ALA A 128 -16.47 6.72 -19.19
CA ALA A 128 -15.03 6.96 -19.24
C ALA A 128 -14.34 6.04 -20.23
N PHE A 129 -14.72 4.78 -20.29
CA PHE A 129 -14.23 3.83 -21.28
C PHE A 129 -14.67 4.18 -22.69
N LEU A 130 -15.93 4.57 -22.86
CA LEU A 130 -16.42 4.96 -24.17
C LEU A 130 -15.71 6.22 -24.65
N LYS A 131 -15.20 7.01 -23.71
CA LYS A 131 -14.36 8.15 -24.07
C LYS A 131 -13.11 7.69 -24.80
N LEU A 132 -12.60 6.51 -24.45
CA LEU A 132 -11.41 6.00 -25.11
C LEU A 132 -11.68 5.69 -26.58
N ALA A 133 -12.94 5.55 -26.97
CA ALA A 133 -13.30 5.32 -28.36
C ALA A 133 -12.84 6.49 -29.23
N LYS A 134 -12.81 7.69 -28.67
CA LYS A 134 -12.29 8.83 -29.41
C LYS A 134 -10.79 8.64 -29.52
N GLN A 135 -10.35 8.08 -30.65
CA GLN A 135 -9.03 7.48 -30.76
C GLN A 135 -8.75 7.41 -32.26
N HIS A 136 -7.85 6.51 -32.67
CA HIS A 136 -7.48 6.28 -34.07
C HIS A 136 -6.51 7.36 -34.55
N SER A 137 -5.76 7.89 -33.59
CA SER A 137 -4.66 8.80 -33.87
C SER A 137 -3.43 8.34 -33.10
N VAL A 138 -3.65 7.64 -31.99
CA VAL A 138 -2.54 7.18 -31.16
C VAL A 138 -2.27 5.71 -31.40
N CYS A 139 -3.32 4.92 -31.66
CA CYS A 139 -3.11 3.55 -32.10
C CYS A 139 -2.44 3.52 -33.46
N THR A 140 -2.42 4.64 -34.16
CA THR A 140 -1.68 4.79 -35.41
C THR A 140 -0.24 5.20 -35.16
N TRP A 141 0.30 4.90 -33.98
CA TRP A 141 1.68 5.21 -33.66
C TRP A 141 2.57 4.44 -34.64
N GLY A 142 2.29 3.15 -34.79
CA GLY A 142 2.94 2.32 -35.79
C GLY A 142 1.99 1.91 -36.89
N LYS A 143 1.53 0.67 -36.88
CA LYS A 143 0.49 0.26 -37.81
C LYS A 143 -0.85 0.89 -37.42
N ASN A 144 -1.72 1.04 -38.40
CA ASN A 144 -2.98 1.73 -38.18
C ASN A 144 -3.84 0.97 -37.17
N LYS A 145 -4.30 -0.24 -37.56
CA LYS A 145 -5.00 -1.21 -36.70
C LYS A 145 -5.85 -0.54 -35.62
N PRO A 146 -6.93 0.13 -35.97
CA PRO A 146 -7.60 1.01 -35.01
C PRO A 146 -8.42 0.26 -33.97
N GLY A 147 -8.34 -1.06 -33.97
CA GLY A 147 -9.23 -1.83 -33.11
C GLY A 147 -8.89 -1.74 -31.63
N ILE A 148 -8.80 -0.51 -31.12
CA ILE A 148 -8.65 -0.29 -29.68
C ILE A 148 -9.88 -0.86 -29.01
N GLY A 149 -11.04 -0.54 -29.56
CA GLY A 149 -12.29 -1.13 -29.14
C GLY A 149 -12.32 -2.63 -29.24
N ALA A 150 -11.69 -3.18 -30.29
CA ALA A 150 -11.55 -4.63 -30.37
C ALA A 150 -10.75 -5.16 -29.20
N VAL A 151 -9.67 -4.48 -28.81
CA VAL A 151 -8.90 -4.92 -27.66
C VAL A 151 -9.77 -4.89 -26.41
N ILE A 152 -10.51 -3.81 -26.21
CA ILE A 152 -11.33 -3.72 -25.00
C ILE A 152 -12.40 -4.81 -24.98
N LEU A 153 -13.06 -5.07 -26.11
CA LEU A 153 -14.12 -6.07 -26.09
C LEU A 153 -13.52 -7.46 -25.94
N LYS A 154 -12.33 -7.70 -26.48
CA LYS A 154 -11.66 -8.97 -26.29
C LYS A 154 -11.37 -9.22 -24.82
N ARG A 155 -10.73 -8.25 -24.17
CA ARG A 155 -10.42 -8.41 -22.76
C ARG A 155 -11.67 -8.46 -21.89
N ALA A 156 -12.76 -7.80 -22.29
CA ALA A 156 -13.99 -7.87 -21.53
C ALA A 156 -14.66 -9.23 -21.66
N LYS A 157 -14.74 -9.76 -22.89
CA LYS A 157 -15.27 -11.10 -23.09
C LYS A 157 -14.43 -12.15 -22.38
N ALA A 158 -13.11 -11.96 -22.33
CA ALA A 158 -12.28 -12.81 -21.49
C ALA A 158 -12.64 -12.65 -20.02
N LEU A 159 -12.84 -11.41 -19.58
CA LEU A 159 -13.28 -11.16 -18.22
C LEU A 159 -14.69 -11.69 -17.97
N ALA A 160 -15.60 -11.46 -18.91
CA ALA A 160 -16.99 -11.84 -18.73
C ALA A 160 -17.21 -13.33 -18.98
N GLY A 161 -16.91 -13.77 -20.19
CA GLY A 161 -17.15 -15.16 -20.55
C GLY A 161 -18.31 -15.30 -21.51
N GLN A 162 -19.13 -16.32 -21.31
CA GLN A 162 -20.28 -16.54 -22.18
C GLN A 162 -21.46 -15.67 -21.77
N SER A 163 -22.37 -15.47 -22.72
CA SER A 163 -23.66 -14.85 -22.44
C SER A 163 -24.56 -15.10 -23.64
N VAL A 164 -25.86 -14.89 -23.43
CA VAL A 164 -26.86 -15.13 -24.46
C VAL A 164 -27.87 -13.99 -24.45
N ARG A 165 -28.79 -14.03 -25.41
CA ARG A 165 -29.85 -13.05 -25.53
C ARG A 165 -30.91 -13.59 -26.49
N ILE A 166 -32.11 -13.03 -26.41
CA ILE A 166 -33.18 -13.41 -27.32
C ILE A 166 -33.16 -12.51 -28.54
N CYS A 167 -33.41 -13.10 -29.71
CA CYS A 167 -33.56 -12.33 -30.93
C CYS A 167 -34.86 -11.53 -30.87
N LYS A 168 -34.84 -10.37 -31.52
CA LYS A 168 -35.98 -9.46 -31.45
C LYS A 168 -37.20 -10.02 -32.15
N GLY A 169 -37.01 -10.77 -33.23
CA GLY A 169 -38.10 -11.28 -34.03
C GLY A 169 -39.11 -12.08 -33.25
N PRO A 170 -38.68 -13.21 -32.66
CA PRO A 170 -39.60 -13.99 -31.84
C PRO A 170 -40.23 -13.18 -30.72
N ARG A 171 -39.40 -12.59 -29.85
CA ARG A 171 -39.92 -11.71 -28.80
C ARG A 171 -41.06 -10.84 -29.30
N ALA A 172 -40.86 -10.17 -30.43
CA ALA A 172 -41.89 -9.28 -30.96
C ALA A 172 -43.15 -10.04 -31.33
N VAL A 173 -43.01 -11.18 -32.01
CA VAL A 173 -44.21 -11.85 -32.53
C VAL A 173 -45.02 -12.45 -31.39
N PHE A 174 -44.36 -13.04 -30.39
CA PHE A 174 -45.14 -13.56 -29.27
C PHE A 174 -45.63 -12.45 -28.33
N SER A 175 -44.95 -11.30 -28.30
CA SER A 175 -45.54 -10.15 -27.63
C SER A 175 -46.84 -9.75 -28.30
N ARG A 176 -46.83 -9.70 -29.64
CA ARG A 176 -48.07 -9.46 -30.37
C ARG A 176 -49.13 -10.49 -30.00
N ILE A 177 -48.73 -11.76 -29.95
CA ILE A 177 -49.69 -12.83 -29.66
C ILE A 177 -50.35 -12.62 -28.31
N LEU A 178 -49.55 -12.40 -27.27
CA LEU A 178 -50.15 -12.34 -25.94
C LEU A 178 -50.89 -11.03 -25.74
N LEU A 179 -50.51 -9.97 -26.46
CA LEU A 179 -51.28 -8.73 -26.32
C LEU A 179 -52.62 -8.83 -27.03
N LEU A 180 -52.69 -9.53 -28.17
CA LEU A 180 -53.99 -9.82 -28.76
C LEU A 180 -54.82 -10.71 -27.84
N PHE A 181 -54.18 -11.67 -27.18
CA PHE A 181 -54.91 -12.50 -26.23
C PHE A 181 -55.49 -11.66 -25.09
N SER A 182 -54.70 -10.71 -24.58
CA SER A 182 -55.18 -9.88 -23.48
C SER A 182 -56.30 -8.96 -23.93
N LEU A 183 -56.05 -8.12 -24.93
CA LEU A 183 -57.00 -7.14 -25.44
C LEU A 183 -57.52 -6.28 -24.29
N THR A 184 -56.58 -5.54 -23.70
CA THR A 184 -56.90 -4.67 -22.57
C THR A 184 -55.96 -3.47 -22.55
N MET B 1 0.45 46.87 -0.64
CA MET B 1 0.58 45.45 -0.93
C MET B 1 1.27 44.72 0.22
N PHE B 2 1.11 43.40 0.27
CA PHE B 2 1.57 42.58 1.38
C PHE B 2 2.70 41.69 0.87
N GLU B 3 3.86 41.78 1.52
CA GLU B 3 5.03 40.99 1.16
C GLU B 3 5.70 40.48 2.43
N ALA B 4 5.92 39.17 2.50
CA ALA B 4 6.59 38.54 3.63
C ALA B 4 7.65 37.59 3.11
N ARG B 5 8.84 37.65 3.68
CA ARG B 5 9.97 36.81 3.28
C ARG B 5 10.49 36.06 4.51
N LEU B 6 10.23 34.76 4.56
CA LEU B 6 10.65 33.91 5.66
C LEU B 6 11.77 32.99 5.18
N VAL B 7 12.92 33.08 5.84
CA VAL B 7 14.05 32.23 5.47
C VAL B 7 13.80 30.78 5.89
N GLN B 8 13.32 30.58 7.11
CA GLN B 8 13.09 29.23 7.63
C GLN B 8 11.75 28.74 7.12
N GLY B 9 11.74 28.21 5.89
CA GLY B 9 10.51 27.70 5.31
C GLY B 9 9.94 26.52 6.05
N SER B 10 10.78 25.79 6.79
CA SER B 10 10.28 24.65 7.55
C SER B 10 9.21 25.06 8.56
N ILE B 11 9.29 26.30 9.06
CA ILE B 11 8.31 26.76 10.05
C ILE B 11 6.91 26.75 9.44
N LEU B 12 6.78 27.28 8.23
CA LEU B 12 5.47 27.32 7.59
C LEU B 12 4.96 25.91 7.30
N LYS B 13 5.83 25.03 6.83
CA LYS B 13 5.41 23.66 6.52
C LYS B 13 4.90 22.96 7.76
N LYS B 14 5.64 23.05 8.87
CA LYS B 14 5.20 22.44 10.10
C LYS B 14 3.93 23.07 10.63
N VAL B 15 3.85 24.40 10.56
CA VAL B 15 2.64 25.10 11.02
C VAL B 15 1.44 24.67 10.19
N LEU B 16 1.60 24.64 8.87
CA LEU B 16 0.50 24.27 8.00
C LEU B 16 0.04 22.83 8.26
N GLU B 17 0.99 21.93 8.50
CA GLU B 17 0.64 20.54 8.76
C GLU B 17 -0.20 20.41 10.03
N ALA B 18 0.12 21.20 11.06
CA ALA B 18 -0.56 21.05 12.34
C ALA B 18 -2.05 21.32 12.22
N LEU B 19 -2.43 22.32 11.45
CA LEU B 19 -3.81 22.76 11.37
C LEU B 19 -4.61 22.04 10.29
N LYS B 20 -4.00 21.11 9.56
CA LYS B 20 -4.69 20.45 8.46
C LYS B 20 -5.92 19.67 8.92
N ASP B 21 -5.76 18.80 9.91
CA ASP B 21 -6.81 17.87 10.29
C ASP B 21 -7.83 18.46 11.23
N LEU B 22 -7.62 19.69 11.70
CA LEU B 22 -8.53 20.30 12.66
C LEU B 22 -9.33 21.46 12.09
N ILE B 23 -8.79 22.18 11.11
CA ILE B 23 -9.44 23.35 10.53
C ILE B 23 -9.45 23.19 9.02
N ASN B 24 -10.61 23.40 8.42
CA ASN B 24 -10.73 23.33 6.96
C ASN B 24 -10.52 24.67 6.28
N GLU B 25 -11.08 25.74 6.83
CA GLU B 25 -10.95 27.08 6.28
C GLU B 25 -10.67 28.06 7.40
N ALA B 26 -9.84 29.05 7.13
CA ALA B 26 -9.47 30.05 8.13
C ALA B 26 -9.33 31.41 7.48
N CYS B 27 -9.52 32.44 8.29
CA CYS B 27 -9.37 33.83 7.85
C CYS B 27 -8.09 34.37 8.47
N TRP B 28 -7.11 34.66 7.63
CA TRP B 28 -5.79 35.11 8.10
C TRP B 28 -5.82 36.61 8.32
N ASP B 29 -5.78 37.03 9.58
CA ASP B 29 -5.78 38.45 9.90
C ASP B 29 -4.34 38.95 9.96
N ILE B 30 -4.00 39.89 9.09
CA ILE B 30 -2.65 40.40 8.96
C ILE B 30 -2.66 41.89 9.24
N SER B 31 -1.68 42.35 10.00
CA SER B 31 -1.53 43.76 10.32
C SER B 31 -0.05 44.12 10.31
N SER B 32 0.24 45.38 10.61
CA SER B 32 1.63 45.79 10.77
C SER B 32 2.29 45.08 11.95
N SER B 33 1.51 44.67 12.95
CA SER B 33 2.05 43.86 14.03
C SER B 33 2.57 42.53 13.52
N GLY B 34 1.85 41.92 12.59
CA GLY B 34 2.28 40.66 12.02
C GLY B 34 1.07 39.80 11.70
N VAL B 35 1.37 38.55 11.35
CA VAL B 35 0.32 37.61 10.97
C VAL B 35 -0.38 37.08 12.21
N ASN B 36 -1.71 37.06 12.17
CA ASN B 36 -2.51 36.52 13.26
C ASN B 36 -3.61 35.64 12.67
N LEU B 37 -3.96 34.60 13.40
CA LEU B 37 -5.03 33.70 13.01
C LEU B 37 -5.78 33.26 14.24
N GLN B 38 -7.12 33.26 14.11
CA GLN B 38 -7.99 32.82 15.20
C GLN B 38 -9.20 32.18 14.55
N SER B 39 -9.33 30.86 14.64
CA SER B 39 -10.40 30.15 13.95
C SER B 39 -10.77 28.93 14.77
N MET B 40 -12.00 28.93 15.27
CA MET B 40 -12.49 27.83 16.09
C MET B 40 -12.76 26.61 15.21
N ASP B 41 -12.61 25.43 15.80
CA ASP B 41 -12.42 24.21 15.04
C ASP B 41 -13.70 23.81 14.30
N SER B 42 -13.53 22.90 13.33
CA SER B 42 -14.66 22.42 12.54
C SER B 42 -15.68 21.69 13.40
N SER B 43 -15.21 20.86 14.33
CA SER B 43 -16.10 20.10 15.18
C SER B 43 -16.83 20.96 16.19
N HIS B 44 -16.47 22.24 16.31
CA HIS B 44 -17.12 23.18 17.23
C HIS B 44 -16.90 22.78 18.68
N VAL B 45 -15.66 22.37 18.98
CA VAL B 45 -15.26 21.97 20.33
C VAL B 45 -14.03 22.73 20.80
N SER B 46 -12.97 22.73 19.99
CA SER B 46 -11.69 23.32 20.36
C SER B 46 -11.47 24.64 19.64
N LEU B 47 -10.65 25.48 20.24
CA LEU B 47 -10.29 26.77 19.67
C LEU B 47 -8.79 26.82 19.42
N VAL B 48 -8.40 27.37 18.28
CA VAL B 48 -7.00 27.48 17.88
C VAL B 48 -6.66 28.94 17.67
N GLN B 49 -5.56 29.39 18.28
CA GLN B 49 -5.05 30.73 18.07
C GLN B 49 -3.60 30.65 17.67
N LEU B 50 -3.20 31.49 16.72
CA LEU B 50 -1.86 31.47 16.18
C LEU B 50 -1.46 32.89 15.82
N THR B 51 -0.24 33.28 16.20
CA THR B 51 0.21 34.64 15.99
C THR B 51 1.65 34.65 15.50
N LEU B 52 1.96 35.58 14.59
CA LEU B 52 3.31 35.76 14.08
C LEU B 52 3.63 37.25 14.21
N ARG B 53 4.62 37.58 15.02
CA ARG B 53 5.05 38.97 15.12
C ARG B 53 5.89 39.36 13.91
N SER B 54 5.90 40.67 13.62
CA SER B 54 6.47 41.14 12.35
C SER B 54 7.99 41.00 12.30
N GLU B 55 8.68 41.29 13.41
CA GLU B 55 10.14 41.37 13.35
C GLU B 55 10.78 40.02 13.08
N GLY B 56 10.06 38.93 13.34
CA GLY B 56 10.59 37.60 13.12
C GLY B 56 10.87 37.33 11.65
N PHE B 57 10.03 37.88 10.79
CA PHE B 57 10.26 37.75 9.36
C PHE B 57 11.48 38.53 8.94
N ASP B 58 12.23 37.97 7.98
CA ASP B 58 13.41 38.69 7.47
C ASP B 58 13.00 39.99 6.79
N THR B 59 11.91 39.97 6.03
CA THR B 59 11.38 41.18 5.42
C THR B 59 9.86 41.14 5.51
N TYR B 60 9.29 42.20 6.09
CA TYR B 60 7.86 42.29 6.28
C TYR B 60 7.37 43.67 5.88
N ARG B 61 6.22 43.73 5.23
CA ARG B 61 5.59 44.99 4.89
C ARG B 61 4.11 44.73 4.63
N CYS B 62 3.27 45.67 5.08
CA CYS B 62 1.83 45.52 4.93
C CYS B 62 1.20 46.91 5.01
N ASP B 63 0.70 47.40 3.88
CA ASP B 63 0.16 48.75 3.84
C ASP B 63 -1.17 48.84 4.57
N ARG B 64 -2.07 47.88 4.34
CA ARG B 64 -3.38 47.88 4.96
C ARG B 64 -3.70 46.49 5.48
N ASN B 65 -4.34 46.44 6.65
CA ASN B 65 -4.73 45.16 7.22
C ASN B 65 -5.73 44.46 6.32
N LEU B 66 -5.48 43.18 6.05
CA LEU B 66 -6.32 42.37 5.20
C LEU B 66 -6.78 41.13 5.95
N ALA B 67 -7.70 40.39 5.33
CA ALA B 67 -8.23 39.17 5.94
C ALA B 67 -8.69 38.27 4.80
N MET B 68 -7.94 37.20 4.55
CA MET B 68 -8.22 36.29 3.44
C MET B 68 -8.75 34.96 4.00
N GLY B 69 -9.85 34.49 3.43
CA GLY B 69 -10.33 33.16 3.75
C GLY B 69 -9.64 32.13 2.88
N VAL B 70 -8.77 31.32 3.47
CA VAL B 70 -7.93 30.38 2.75
C VAL B 70 -8.42 28.97 3.04
N ASN B 71 -8.69 28.20 1.98
CA ASN B 71 -8.95 26.78 2.16
C ASN B 71 -7.71 26.13 2.73
N LEU B 72 -7.79 25.72 4.00
CA LEU B 72 -6.60 25.30 4.71
C LEU B 72 -6.04 24.00 4.16
N THR B 73 -6.91 23.12 3.65
CA THR B 73 -6.44 21.86 3.08
C THR B 73 -5.56 22.10 1.87
N SER B 74 -5.98 23.00 0.97
CA SER B 74 -5.25 23.20 -0.27
C SER B 74 -3.88 23.82 -0.02
N MET B 75 -3.76 24.64 1.02
CA MET B 75 -2.49 25.32 1.27
C MET B 75 -1.37 24.33 1.56
N SER B 76 -1.67 23.30 2.35
CA SER B 76 -0.64 22.34 2.71
C SER B 76 -0.15 21.56 1.48
N LYS B 77 -1.07 21.17 0.60
CA LYS B 77 -0.67 20.43 -0.59
C LYS B 77 0.28 21.25 -1.44
N ILE B 78 -0.02 22.53 -1.62
CA ILE B 78 0.94 23.41 -2.28
C ILE B 78 2.21 23.52 -1.45
N LEU B 79 2.07 23.70 -0.14
CA LEU B 79 3.24 23.76 0.72
C LEU B 79 4.03 22.46 0.74
N LYS B 80 3.37 21.32 0.53
CA LYS B 80 4.09 20.06 0.51
C LYS B 80 5.09 20.00 -0.63
N CYS B 81 4.88 20.79 -1.67
CA CYS B 81 5.82 20.82 -2.79
C CYS B 81 7.11 21.55 -2.43
N ALA B 82 7.06 22.49 -1.49
CA ALA B 82 8.25 23.22 -1.10
C ALA B 82 9.21 22.32 -0.34
N GLY B 83 10.50 22.56 -0.54
CA GLY B 83 11.52 21.80 0.15
C GLY B 83 11.67 22.22 1.60
N ASN B 84 12.57 21.53 2.29
CA ASN B 84 12.77 21.75 3.72
C ASN B 84 13.68 22.93 4.03
N GLU B 85 14.23 23.58 3.00
CA GLU B 85 15.14 24.69 3.26
C GLU B 85 14.94 25.84 2.29
N ASP B 86 13.75 25.99 1.70
CA ASP B 86 13.51 27.10 0.79
C ASP B 86 13.19 28.38 1.56
N ILE B 87 13.23 29.48 0.83
CA ILE B 87 12.95 30.81 1.39
C ILE B 87 11.58 31.20 0.88
N ILE B 88 10.55 30.94 1.68
CA ILE B 88 9.19 31.25 1.27
C ILE B 88 9.01 32.76 1.17
N THR B 89 8.20 33.20 0.21
CA THR B 89 8.07 34.62 -0.10
C THR B 89 6.59 34.98 -0.29
N LEU B 90 5.76 34.62 0.70
CA LEU B 90 4.35 35.00 0.70
C LEU B 90 4.14 36.43 0.23
N ARG B 91 3.20 36.60 -0.71
CA ARG B 91 2.96 37.92 -1.28
C ARG B 91 1.54 37.97 -1.82
N ALA B 92 0.81 39.01 -1.45
CA ALA B 92 -0.51 39.30 -2.00
C ALA B 92 -0.56 40.76 -2.40
N GLU B 93 -1.33 41.07 -3.45
CA GLU B 93 -1.33 42.40 -4.03
C GLU B 93 -2.73 43.00 -3.97
N ASP B 94 -2.81 44.22 -3.44
CA ASP B 94 -4.03 45.03 -3.44
C ASP B 94 -5.25 44.27 -2.93
N ASN B 95 -6.29 44.21 -3.76
CA ASN B 95 -7.57 43.60 -3.39
C ASN B 95 -7.82 42.33 -4.21
N ALA B 96 -6.75 41.69 -4.65
CA ALA B 96 -6.88 40.48 -5.45
C ALA B 96 -7.32 39.33 -4.56
N ASP B 97 -7.57 38.17 -5.15
CA ASP B 97 -7.97 36.97 -4.43
C ASP B 97 -7.00 35.84 -4.73
N THR B 98 -5.72 36.18 -4.90
CA THR B 98 -4.70 35.22 -5.29
C THR B 98 -3.51 35.37 -4.36
N LEU B 99 -3.12 34.27 -3.72
CA LEU B 99 -1.93 34.25 -2.89
C LEU B 99 -0.75 33.76 -3.72
N ALA B 100 0.33 34.55 -3.73
CA ALA B 100 1.50 34.29 -4.57
C ALA B 100 2.61 33.74 -3.70
N LEU B 101 2.64 32.42 -3.54
CA LEU B 101 3.71 31.76 -2.81
C LEU B 101 4.89 31.52 -3.72
N VAL B 102 6.10 31.74 -3.21
CA VAL B 102 7.33 31.56 -3.97
C VAL B 102 8.30 30.75 -3.14
N PHE B 103 8.84 29.69 -3.73
CA PHE B 103 9.85 28.87 -3.07
C PHE B 103 11.16 29.00 -3.85
N GLU B 104 12.25 29.25 -3.13
CA GLU B 104 13.56 29.41 -3.73
C GLU B 104 14.53 28.42 -3.11
N ALA B 105 15.23 27.68 -3.97
CA ALA B 105 16.24 26.75 -3.48
C ALA B 105 17.45 27.52 -2.96
N PRO B 106 18.17 26.96 -1.98
CA PRO B 106 19.34 27.66 -1.44
C PRO B 106 20.42 27.93 -2.47
N ASN B 107 20.58 27.07 -3.47
CA ASN B 107 21.61 27.22 -4.47
C ASN B 107 21.21 28.19 -5.57
N GLN B 108 20.01 28.76 -5.50
CA GLN B 108 19.49 29.66 -6.51
C GLN B 108 19.50 29.01 -7.89
N GLU B 109 19.13 27.74 -7.94
CA GLU B 109 19.02 27.00 -9.20
C GLU B 109 17.60 26.61 -9.52
N LYS B 110 16.68 26.70 -8.56
CA LYS B 110 15.33 26.18 -8.74
C LYS B 110 14.36 27.18 -8.13
N VAL B 111 13.57 27.84 -8.96
CA VAL B 111 12.59 28.81 -8.53
C VAL B 111 11.21 28.22 -8.72
N SER B 112 10.47 28.08 -7.62
CA SER B 112 9.12 27.54 -7.66
C SER B 112 8.12 28.66 -7.38
N ASP B 113 7.11 28.76 -8.24
CA ASP B 113 6.09 29.79 -8.12
C ASP B 113 4.72 29.12 -8.18
N TYR B 114 3.85 29.48 -7.25
CA TYR B 114 2.50 28.95 -7.20
C TYR B 114 1.54 30.08 -6.91
N GLU B 115 0.26 29.88 -7.24
CA GLU B 115 -0.75 30.88 -6.99
C GLU B 115 -2.02 30.20 -6.47
N MET B 116 -2.68 30.87 -5.53
CA MET B 116 -3.90 30.37 -4.93
C MET B 116 -5.10 31.17 -5.40
N LYS B 117 -6.29 30.72 -4.97
CA LYS B 117 -7.53 31.41 -5.22
C LYS B 117 -8.22 31.63 -3.88
N LEU B 118 -8.32 32.88 -3.46
CA LEU B 118 -8.89 33.19 -2.17
C LEU B 118 -10.40 32.98 -2.19
N MET B 119 -10.97 32.79 -1.01
CA MET B 119 -12.41 32.64 -0.86
C MET B 119 -12.88 33.51 0.30
N ASP B 120 -14.14 33.94 0.22
CA ASP B 120 -14.68 34.90 1.17
C ASP B 120 -15.27 34.16 2.37
N LEU B 121 -14.74 34.45 3.55
CA LEU B 121 -15.20 33.88 4.81
C LEU B 121 -15.59 35.00 5.77
N ASP B 122 -16.66 34.78 6.52
CA ASP B 122 -17.07 35.76 7.52
C ASP B 122 -16.04 35.86 8.63
N VAL B 123 -15.77 37.09 9.07
CA VAL B 123 -14.76 37.33 10.10
C VAL B 123 -15.48 37.24 11.45
N GLU B 124 -15.34 36.08 12.09
CA GLU B 124 -15.92 35.84 13.41
C GLU B 124 -14.80 35.93 14.44
N GLN B 125 -14.86 36.94 15.30
CA GLN B 125 -13.86 37.13 16.34
C GLN B 125 -14.44 36.72 17.69
N LEU B 126 -13.70 35.91 18.42
CA LEU B 126 -14.11 35.43 19.73
C LEU B 126 -13.16 35.98 20.80
N GLY B 127 -13.73 36.53 21.87
CA GLY B 127 -12.91 37.11 22.92
C GLY B 127 -12.09 36.05 23.64
N ILE B 128 -10.87 36.43 24.00
CA ILE B 128 -9.95 35.57 24.73
C ILE B 128 -9.71 36.19 26.10
N PRO B 129 -10.28 35.64 27.18
CA PRO B 129 -10.05 36.23 28.51
C PRO B 129 -8.72 35.77 29.08
N GLU B 130 -7.92 36.74 29.51
CA GLU B 130 -6.62 36.44 30.12
C GLU B 130 -6.74 36.37 31.63
N GLN B 131 -6.31 35.25 32.20
CA GLN B 131 -6.36 35.05 33.63
C GLN B 131 -5.32 34.01 34.01
N GLU B 132 -5.17 33.80 35.32
CA GLU B 132 -4.12 32.96 35.87
C GLU B 132 -4.60 31.52 35.94
N TYR B 133 -3.65 30.58 35.99
CA TYR B 133 -3.95 29.16 35.97
C TYR B 133 -3.51 28.51 37.28
N SER B 134 -3.97 27.28 37.47
CA SER B 134 -3.67 26.55 38.71
C SER B 134 -2.33 25.82 38.63
N CYS B 135 -2.22 24.90 37.67
CA CYS B 135 -0.97 24.18 37.42
C CYS B 135 -0.43 24.61 36.06
N VAL B 136 0.83 25.01 36.01
CA VAL B 136 1.54 25.30 34.78
C VAL B 136 2.75 24.38 34.72
N VAL B 137 2.86 23.62 33.63
CA VAL B 137 3.91 22.63 33.49
C VAL B 137 4.65 22.86 32.18
N LYS B 138 5.97 22.90 32.26
CA LYS B 138 6.83 22.96 31.09
C LYS B 138 7.54 21.62 30.98
N MET B 139 7.24 20.87 29.91
CA MET B 139 7.67 19.49 29.81
C MET B 139 8.00 19.19 28.36
N PRO B 140 9.00 18.35 28.09
CA PRO B 140 9.44 18.13 26.71
C PRO B 140 8.34 17.56 25.83
N SER B 141 8.31 18.04 24.58
CA SER B 141 7.20 17.72 23.69
C SER B 141 7.14 16.24 23.40
N GLY B 142 8.29 15.61 23.16
CA GLY B 142 8.30 14.19 22.82
C GLY B 142 7.69 13.32 23.88
N GLU B 143 7.94 13.64 25.16
CA GLU B 143 7.37 12.85 26.24
C GLU B 143 5.85 12.89 26.22
N PHE B 144 5.27 14.09 26.10
CA PHE B 144 3.82 14.19 26.02
C PHE B 144 3.30 13.52 24.76
N ALA B 145 3.97 13.75 23.63
CA ALA B 145 3.53 13.15 22.37
C ALA B 145 3.45 11.64 22.49
N ARG B 146 4.40 11.04 23.19
CA ARG B 146 4.30 9.62 23.51
C ARG B 146 3.10 9.35 24.40
N ILE B 147 2.88 10.21 25.40
CA ILE B 147 1.87 9.92 26.43
C ILE B 147 0.48 9.83 25.82
N CYS B 148 0.12 10.83 25.01
CA CYS B 148 -1.22 10.82 24.43
C CYS B 148 -1.43 9.61 23.53
N ARG B 149 -0.42 9.27 22.73
CA ARG B 149 -0.53 8.11 21.86
C ARG B 149 -0.67 6.82 22.68
N ASP B 150 0.10 6.73 23.77
CA ASP B 150 0.07 5.52 24.58
C ASP B 150 -1.30 5.29 25.20
N LEU B 151 -1.90 6.33 25.77
CA LEU B 151 -3.15 6.15 26.49
C LEU B 151 -4.34 5.95 25.56
N SER B 152 -4.17 6.21 24.27
CA SER B 152 -5.27 6.00 23.34
C SER B 152 -5.66 4.54 23.24
N HIS B 153 -4.70 3.62 23.36
CA HIS B 153 -5.00 2.21 23.26
C HIS B 153 -5.79 1.68 24.45
N ILE B 154 -5.88 2.44 25.54
CA ILE B 154 -6.58 1.98 26.72
C ILE B 154 -8.03 2.47 26.68
N GLY B 155 -8.22 3.78 26.66
CA GLY B 155 -9.55 4.35 26.63
C GLY B 155 -9.63 5.63 25.85
N ASP B 156 -10.55 6.52 26.25
CA ASP B 156 -10.71 7.80 25.56
C ASP B 156 -10.93 8.93 26.55
N ALA B 157 -10.33 8.85 27.74
CA ALA B 157 -10.51 9.90 28.73
C ALA B 157 -9.29 9.90 29.65
N VAL B 158 -8.47 10.94 29.54
CA VAL B 158 -7.39 11.14 30.48
C VAL B 158 -7.91 11.88 31.72
N VAL B 159 -7.19 11.72 32.83
CA VAL B 159 -7.51 12.40 34.08
C VAL B 159 -6.20 12.98 34.60
N ILE B 160 -5.94 14.25 34.26
CA ILE B 160 -4.76 14.92 34.78
C ILE B 160 -5.03 15.36 36.20
N SER B 161 -4.12 15.04 37.11
CA SER B 161 -4.32 15.23 38.54
C SER B 161 -3.07 15.88 39.15
N CYS B 162 -2.66 17.01 38.56
CA CYS B 162 -1.51 17.78 39.02
C CYS B 162 -1.37 17.80 40.53
N ALA B 163 -0.16 17.59 41.02
CA ALA B 163 0.10 17.46 42.45
C ALA B 163 1.41 18.19 42.75
N LYS B 164 1.95 17.97 43.95
CA LYS B 164 3.09 18.75 44.42
C LYS B 164 4.42 18.16 43.97
N ASP B 165 4.43 16.95 43.41
CA ASP B 165 5.68 16.31 43.06
C ASP B 165 5.60 15.58 41.71
N GLY B 166 4.77 16.04 40.79
CA GLY B 166 4.72 15.41 39.48
C GLY B 166 3.35 15.39 38.84
N VAL B 167 3.19 14.50 37.85
CA VAL B 167 1.96 14.42 37.07
C VAL B 167 1.49 12.98 37.01
N LYS B 168 0.19 12.79 36.79
CA LYS B 168 -0.44 11.49 36.95
C LYS B 168 -1.41 11.17 35.82
N PHE B 169 -0.95 11.16 34.57
CA PHE B 169 -1.88 11.03 33.46
C PHE B 169 -2.54 9.66 33.48
N SER B 170 -3.54 9.48 34.33
CA SER B 170 -4.28 8.23 34.40
C SER B 170 -5.31 8.15 33.28
N ALA B 171 -5.75 6.93 33.00
CA ALA B 171 -6.79 6.67 32.02
C ALA B 171 -7.43 5.34 32.36
N SER B 172 -8.47 4.97 31.63
CA SER B 172 -9.16 3.73 31.90
C SER B 172 -9.92 3.29 30.65
N GLY B 173 -10.35 2.03 30.66
CA GLY B 173 -11.09 1.50 29.54
C GLY B 173 -11.53 0.09 29.83
N GLU B 174 -12.19 -0.51 28.83
CA GLU B 174 -12.64 -1.90 28.97
C GLU B 174 -11.46 -2.84 29.13
N LEU B 175 -10.37 -2.58 28.42
CA LEU B 175 -9.18 -3.42 28.56
C LEU B 175 -8.58 -3.33 29.95
N GLY B 176 -8.71 -2.18 30.60
CA GLY B 176 -8.11 -1.97 31.91
C GLY B 176 -7.90 -0.50 32.16
N ASN B 177 -6.86 -0.20 32.94
CA ASN B 177 -6.52 1.17 33.27
C ASN B 177 -5.01 1.35 33.27
N GLY B 178 -4.56 2.50 32.80
CA GLY B 178 -3.15 2.82 32.81
C GLY B 178 -2.86 4.13 33.50
N ASN B 179 -2.01 4.08 34.53
CA ASN B 179 -1.69 5.26 35.33
C ASN B 179 -0.22 5.60 35.12
N ILE B 180 0.04 6.51 34.21
CA ILE B 180 1.39 6.99 33.97
C ILE B 180 1.68 8.13 34.94
N LYS B 181 2.79 7.99 35.67
CA LYS B 181 3.15 9.00 36.66
C LYS B 181 4.60 9.39 36.42
N LEU B 182 4.81 10.57 35.88
CA LEU B 182 6.15 11.12 35.74
C LEU B 182 6.58 11.77 37.06
N SER B 183 7.89 11.80 37.28
CA SER B 183 8.47 12.36 38.49
C SER B 183 9.04 13.73 38.19
N GLN B 184 8.89 14.65 39.14
CA GLN B 184 9.36 16.03 38.96
C GLN B 184 10.88 16.04 38.89
N THR B 185 11.43 16.75 37.92
CA THR B 185 12.86 16.92 37.76
C THR B 185 13.22 18.39 37.86
N SER B 186 14.28 18.68 38.60
CA SER B 186 14.71 20.07 38.78
C SER B 186 16.18 20.27 38.46
N ASN B 187 17.04 19.31 38.77
CA ASN B 187 18.48 19.48 38.59
C ASN B 187 18.92 18.87 37.25
N VAL B 188 18.60 19.59 36.19
CA VAL B 188 18.99 19.22 34.82
C VAL B 188 19.68 20.42 34.19
N ASP B 189 20.86 20.18 33.61
CA ASP B 189 21.61 21.27 32.98
C ASP B 189 20.85 21.85 31.79
N LYS B 190 20.28 20.99 30.96
CA LYS B 190 19.56 21.44 29.77
C LYS B 190 18.12 21.76 30.13
N GLU B 191 17.54 22.75 29.45
CA GLU B 191 16.16 23.12 29.69
C GLU B 191 15.18 22.28 28.88
N GLU B 192 15.67 21.39 28.04
CA GLU B 192 14.81 20.54 27.22
C GLU B 192 14.54 19.20 27.93
N GLU B 193 14.94 19.12 29.20
CA GLU B 193 14.72 17.89 29.95
C GLU B 193 14.12 18.16 31.32
N ALA B 194 13.75 19.40 31.62
CA ALA B 194 13.14 19.76 32.88
C ALA B 194 11.62 19.72 32.76
N VAL B 195 10.96 19.31 33.84
CA VAL B 195 9.52 19.17 33.86
C VAL B 195 8.96 20.07 34.96
N THR B 196 9.63 21.21 35.19
CA THR B 196 9.27 22.10 36.27
C THR B 196 7.77 22.42 36.27
N ILE B 197 7.15 22.26 37.43
CA ILE B 197 5.72 22.44 37.60
C ILE B 197 5.49 23.50 38.68
N GLU B 198 4.64 24.47 38.39
CA GLU B 198 4.21 25.46 39.36
C GLU B 198 2.73 25.27 39.64
N MET B 199 2.38 25.17 40.92
CA MET B 199 1.01 24.92 41.33
C MET B 199 0.59 25.89 42.43
N ASN B 200 -0.69 26.24 42.43
CA ASN B 200 -1.32 26.93 43.53
C ASN B 200 -2.42 26.11 44.17
N GLU B 201 -3.29 25.50 43.36
CA GLU B 201 -4.34 24.62 43.82
C GLU B 201 -4.26 23.29 43.09
N PRO B 202 -4.59 22.19 43.77
CA PRO B 202 -4.69 20.91 43.07
C PRO B 202 -5.85 20.92 42.09
N VAL B 203 -5.68 20.17 41.00
CA VAL B 203 -6.65 20.18 39.91
C VAL B 203 -6.77 18.77 39.33
N GLN B 204 -8.01 18.32 39.16
CA GLN B 204 -8.32 17.05 38.52
C GLN B 204 -9.32 17.31 37.41
N LEU B 205 -8.99 16.87 36.20
CA LEU B 205 -9.85 17.17 35.05
C LEU B 205 -10.02 15.95 34.15
N THR B 206 -10.68 16.15 33.00
CA THR B 206 -10.91 15.09 32.03
C THR B 206 -11.04 15.72 30.66
N PHE B 207 -10.49 15.05 29.64
CA PHE B 207 -10.49 15.60 28.29
C PHE B 207 -10.67 14.47 27.28
N ALA B 208 -11.06 14.85 26.07
CA ALA B 208 -11.24 13.92 24.98
C ALA B 208 -9.91 13.65 24.28
N LEU B 209 -9.61 12.37 24.05
CA LEU B 209 -8.30 12.01 23.53
C LEU B 209 -8.19 12.25 22.02
N ARG B 210 -9.22 11.96 21.25
CA ARG B 210 -9.07 12.01 19.80
C ARG B 210 -8.70 13.42 19.35
N TYR B 211 -9.14 14.43 20.08
CA TYR B 211 -8.59 15.76 19.86
C TYR B 211 -7.13 15.83 20.28
N LEU B 212 -6.81 15.32 21.46
CA LEU B 212 -5.44 15.43 21.97
C LEU B 212 -4.44 14.82 20.99
N ASN B 213 -4.81 13.72 20.34
CA ASN B 213 -3.95 13.16 19.31
C ASN B 213 -3.78 14.14 18.15
N PHE B 214 -4.88 14.74 17.69
CA PHE B 214 -4.75 15.83 16.72
C PHE B 214 -4.00 17.00 17.31
N PHE B 215 -4.04 17.14 18.63
CA PHE B 215 -3.61 18.38 19.26
C PHE B 215 -2.10 18.49 19.30
N THR B 216 -1.40 17.35 19.27
CA THR B 216 0.05 17.28 19.35
C THR B 216 0.74 17.15 18.00
N LYS B 217 0.00 17.30 16.90
CA LYS B 217 0.63 17.18 15.59
C LYS B 217 1.67 18.26 15.35
N ALA B 218 1.66 19.33 16.14
CA ALA B 218 2.65 20.40 16.03
C ALA B 218 3.91 20.12 16.81
N THR B 219 4.19 18.84 17.09
CA THR B 219 5.37 18.50 17.87
C THR B 219 6.68 18.96 17.25
N PRO B 220 6.94 18.81 15.95
CA PRO B 220 8.25 19.23 15.41
C PRO B 220 8.53 20.72 15.56
N LEU B 221 7.50 21.53 15.84
CA LEU B 221 7.73 22.97 15.98
C LEU B 221 8.68 23.28 17.13
N SER B 222 8.52 22.61 18.26
CA SER B 222 9.33 22.91 19.44
C SER B 222 9.66 21.60 20.13
N SER B 223 10.21 21.73 21.34
CA SER B 223 10.55 20.57 22.16
C SER B 223 10.16 20.82 23.62
N THR B 224 9.31 21.82 23.85
CA THR B 224 8.97 22.27 25.20
C THR B 224 7.52 22.77 25.17
N VAL B 225 6.61 21.93 25.66
CA VAL B 225 5.21 22.31 25.75
C VAL B 225 4.98 23.10 27.03
N THR B 226 4.09 24.09 26.95
CA THR B 226 3.74 24.95 28.08
C THR B 226 2.28 24.74 28.44
N LEU B 227 1.87 23.48 28.47
CA LEU B 227 0.51 23.11 28.84
C LEU B 227 0.16 23.62 30.22
N SER B 228 -1.05 24.17 30.36
CA SER B 228 -1.50 24.78 31.60
C SER B 228 -3.02 24.71 31.68
N MET B 229 -3.56 24.45 32.88
CA MET B 229 -5.00 24.43 33.07
C MET B 229 -5.35 25.24 34.31
N SER B 230 -6.65 25.54 34.43
CA SER B 230 -7.19 26.08 35.67
C SER B 230 -8.57 25.48 35.87
N ALA B 231 -9.18 25.81 37.01
CA ALA B 231 -10.52 25.30 37.29
C ALA B 231 -11.51 25.85 36.27
N ASP B 232 -12.40 24.96 35.81
CA ASP B 232 -13.46 25.24 34.84
C ASP B 232 -13.03 26.16 33.70
N VAL B 233 -11.77 26.06 33.30
CA VAL B 233 -11.19 26.92 32.28
C VAL B 233 -10.61 26.02 31.19
N PRO B 234 -10.79 26.36 29.91
CA PRO B 234 -10.30 25.47 28.85
C PRO B 234 -8.80 25.25 28.93
N LEU B 235 -8.39 24.03 28.57
CA LEU B 235 -6.98 23.67 28.59
C LEU B 235 -6.20 24.51 27.60
N VAL B 236 -4.99 24.90 28.00
CA VAL B 236 -4.11 25.72 27.18
C VAL B 236 -2.86 24.91 26.87
N VAL B 237 -2.63 24.66 25.59
CA VAL B 237 -1.40 24.04 25.11
C VAL B 237 -0.73 25.02 24.17
N GLU B 238 0.50 25.41 24.50
CA GLU B 238 1.21 26.44 23.76
C GLU B 238 2.59 25.95 23.37
N TYR B 239 2.95 26.15 22.10
CA TYR B 239 4.28 25.88 21.61
C TYR B 239 4.95 27.20 21.24
N LYS B 240 6.19 27.36 21.68
CA LYS B 240 6.97 28.55 21.38
C LYS B 240 7.67 28.35 20.04
N ILE B 241 7.29 29.16 19.05
CA ILE B 241 7.79 28.99 17.69
C ILE B 241 9.10 29.76 17.60
N ALA B 242 10.18 29.10 18.02
CA ALA B 242 11.55 29.63 17.94
C ALA B 242 11.53 31.06 18.47
N ASP B 243 11.91 32.05 17.67
CA ASP B 243 11.74 33.45 18.04
C ASP B 243 10.79 34.09 17.04
N MET B 244 9.80 33.32 16.60
CA MET B 244 8.87 33.71 15.55
C MET B 244 7.50 34.08 16.10
N GLY B 245 6.94 33.27 16.97
CA GLY B 245 5.64 33.53 17.54
C GLY B 245 5.21 32.38 18.44
N HIS B 246 3.91 32.29 18.66
CA HIS B 246 3.39 31.23 19.51
C HIS B 246 2.15 30.63 18.86
N LEU B 247 1.97 29.33 19.10
CA LEU B 247 0.82 28.58 18.59
C LEU B 247 0.14 27.95 19.79
N LYS B 248 -0.95 28.55 20.25
CA LYS B 248 -1.64 28.14 21.45
C LYS B 248 -2.89 27.33 21.11
N TYR B 249 -3.17 26.32 21.92
CA TYR B 249 -4.25 25.39 21.68
C TYR B 249 -5.20 25.38 22.86
N TYR B 250 -6.50 25.57 22.60
CA TYR B 250 -7.52 25.69 23.63
C TYR B 250 -8.49 24.53 23.53
N LEU B 251 -8.80 23.92 24.68
CA LEU B 251 -9.78 22.85 24.75
C LEU B 251 -10.49 22.90 26.09
N ALA B 252 -11.81 22.97 26.07
CA ALA B 252 -12.60 22.97 27.29
C ALA B 252 -12.65 21.58 27.90
N PRO B 253 -12.49 21.47 29.21
CA PRO B 253 -12.52 20.15 29.86
C PRO B 253 -13.90 19.51 29.72
N LYS B 254 -13.90 18.18 29.72
CA LYS B 254 -15.14 17.43 29.60
C LYS B 254 -15.88 17.42 30.94
N ILE B 255 -17.20 17.27 30.85
CA ILE B 255 -18.06 17.26 32.02
C ILE B 255 -18.16 15.84 32.56
N GLU B 256 -17.98 15.69 33.88
CA GLU B 256 -18.01 14.37 34.50
C GLU B 256 -19.39 13.74 34.44
N ASP B 257 -20.45 14.56 34.46
CA ASP B 257 -21.81 14.02 34.45
C ASP B 257 -22.12 13.25 33.18
N GLU B 258 -21.46 13.59 32.06
CA GLU B 258 -21.66 12.82 30.84
C GLU B 258 -21.12 11.41 30.97
N GLU B 259 -20.03 11.23 31.72
CA GLU B 259 -19.49 9.90 31.94
C GLU B 259 -20.40 9.05 32.81
N GLY B 260 -21.24 9.67 33.64
CA GLY B 260 -22.18 8.90 34.44
C GLY B 260 -23.19 8.15 33.59
N SER B 261 -23.65 8.76 32.51
CA SER B 261 -24.59 8.13 31.61
C SER B 261 -23.87 7.25 30.59
N MET C 1 21.48 -22.21 -27.90
CA MET C 1 21.34 -22.23 -26.45
C MET C 1 21.63 -20.85 -25.86
N PHE C 2 20.65 -20.29 -25.17
CA PHE C 2 20.82 -18.98 -24.56
C PHE C 2 21.39 -19.14 -23.15
N GLU C 3 22.52 -18.48 -22.90
CA GLU C 3 23.15 -18.53 -21.58
C GLU C 3 23.81 -17.18 -21.33
N ALA C 4 23.32 -16.46 -20.32
CA ALA C 4 23.85 -15.16 -19.96
C ALA C 4 24.21 -15.16 -18.48
N ARG C 5 25.42 -14.73 -18.17
CA ARG C 5 25.89 -14.61 -16.80
C ARG C 5 26.11 -13.13 -16.51
N LEU C 6 25.22 -12.55 -15.73
CA LEU C 6 25.27 -11.12 -15.40
C LEU C 6 25.73 -10.96 -13.96
N VAL C 7 26.83 -10.25 -13.77
CA VAL C 7 27.41 -10.10 -12.43
C VAL C 7 26.51 -9.23 -11.56
N GLN C 8 26.06 -8.10 -12.07
CA GLN C 8 25.28 -7.14 -11.30
C GLN C 8 23.80 -7.46 -11.49
N GLY C 9 23.25 -8.25 -10.58
CA GLY C 9 21.84 -8.60 -10.67
C GLY C 9 20.92 -7.45 -10.37
N SER C 10 21.38 -6.46 -9.61
CA SER C 10 20.55 -5.30 -9.31
C SER C 10 20.16 -4.56 -10.58
N ILE C 11 21.05 -4.53 -11.57
CA ILE C 11 20.74 -3.84 -12.83
C ILE C 11 19.52 -4.47 -13.48
N LEU C 12 19.49 -5.79 -13.54
CA LEU C 12 18.30 -6.47 -14.07
C LEU C 12 17.13 -6.29 -13.11
N LYS C 13 17.39 -6.27 -11.81
CA LYS C 13 16.30 -6.09 -10.84
C LYS C 13 15.61 -4.75 -11.04
N LYS C 14 16.38 -3.68 -11.23
CA LYS C 14 15.78 -2.36 -11.38
C LYS C 14 14.92 -2.29 -12.64
N VAL C 15 15.39 -2.90 -13.73
CA VAL C 15 14.70 -2.77 -15.02
C VAL C 15 13.27 -3.28 -14.90
N LEU C 16 13.09 -4.42 -14.24
CA LEU C 16 11.77 -5.02 -14.14
C LEU C 16 10.81 -4.11 -13.38
N GLU C 17 11.30 -3.41 -12.36
CA GLU C 17 10.44 -2.49 -11.62
C GLU C 17 9.93 -1.37 -12.53
N ALA C 18 10.77 -0.85 -13.41
CA ALA C 18 10.33 0.20 -14.33
C ALA C 18 9.26 -0.29 -15.28
N LEU C 19 9.32 -1.56 -15.66
CA LEU C 19 8.36 -2.12 -16.61
C LEU C 19 7.20 -2.82 -15.94
N LYS C 20 7.25 -3.02 -14.62
CA LYS C 20 6.27 -3.88 -13.98
C LYS C 20 4.86 -3.34 -14.09
N ASP C 21 4.65 -2.05 -13.87
CA ASP C 21 3.32 -1.50 -13.84
C ASP C 21 2.88 -0.89 -15.16
N LEU C 22 3.82 -0.51 -16.02
CA LEU C 22 3.48 0.12 -17.29
C LEU C 22 3.18 -0.90 -18.38
N ILE C 23 3.85 -2.05 -18.37
CA ILE C 23 3.61 -3.10 -19.35
C ILE C 23 3.44 -4.42 -18.59
N ASN C 24 2.45 -5.20 -19.01
CA ASN C 24 2.19 -6.51 -18.40
C ASN C 24 2.79 -7.65 -19.20
N GLU C 25 2.65 -7.61 -20.53
CA GLU C 25 3.20 -8.62 -21.41
C GLU C 25 3.98 -7.96 -22.54
N ALA C 26 5.11 -8.56 -22.89
CA ALA C 26 5.93 -8.07 -23.99
C ALA C 26 6.81 -9.19 -24.51
N CYS C 27 7.33 -9.00 -25.71
CA CYS C 27 8.18 -9.99 -26.38
C CYS C 27 9.62 -9.68 -25.98
N TRP C 28 10.33 -10.74 -25.57
CA TRP C 28 11.70 -10.59 -25.12
C TRP C 28 12.66 -10.85 -26.28
N ASP C 29 12.68 -9.96 -27.27
CA ASP C 29 13.53 -10.16 -28.44
C ASP C 29 14.99 -10.25 -28.03
N ILE C 30 15.65 -11.32 -28.47
CA ILE C 30 17.05 -11.56 -28.15
C ILE C 30 17.81 -11.86 -29.43
N SER C 31 19.03 -11.34 -29.50
CA SER C 31 19.89 -11.53 -30.65
C SER C 31 21.29 -11.87 -30.16
N SER C 32 22.19 -12.17 -31.09
CA SER C 32 23.57 -12.47 -30.75
C SER C 32 24.35 -11.23 -30.35
N SER C 33 23.77 -10.05 -30.50
CA SER C 33 24.45 -8.81 -30.15
C SER C 33 23.98 -8.18 -28.85
N GLY C 34 22.96 -8.73 -28.21
CA GLY C 34 22.43 -8.17 -26.98
C GLY C 34 20.92 -8.33 -26.91
N VAL C 35 20.35 -7.88 -25.80
CA VAL C 35 18.91 -7.97 -25.61
C VAL C 35 18.23 -6.74 -26.21
N ASN C 36 16.97 -6.91 -26.61
CA ASN C 36 16.20 -5.83 -27.22
C ASN C 36 14.74 -6.00 -26.83
N LEU C 37 14.25 -5.08 -26.00
CA LEU C 37 12.84 -5.06 -25.65
C LEU C 37 12.15 -3.85 -26.26
N GLN C 38 10.94 -4.05 -26.75
CA GLN C 38 10.19 -2.98 -27.41
C GLN C 38 8.72 -3.39 -27.45
N SER C 39 7.85 -2.56 -26.88
CA SER C 39 6.43 -2.87 -26.80
C SER C 39 5.62 -1.60 -26.61
N MET C 40 4.36 -1.77 -26.26
CA MET C 40 3.44 -0.67 -26.01
C MET C 40 2.65 -0.96 -24.75
N ASP C 41 2.07 0.09 -24.17
CA ASP C 41 1.27 -0.06 -22.97
C ASP C 41 -0.14 -0.50 -23.32
N SER C 42 -0.91 -0.83 -22.28
CA SER C 42 -2.28 -1.28 -22.50
C SER C 42 -3.11 -0.20 -23.19
N SER C 43 -3.00 1.04 -22.73
CA SER C 43 -3.76 2.13 -23.32
C SER C 43 -3.26 2.53 -24.69
N HIS C 44 -2.16 1.93 -25.16
CA HIS C 44 -1.67 2.13 -26.53
C HIS C 44 -1.34 3.59 -26.79
N VAL C 45 -0.56 4.18 -25.87
CA VAL C 45 -0.17 5.58 -26.00
C VAL C 45 1.33 5.82 -25.85
N SER C 46 2.09 4.91 -25.25
CA SER C 46 3.50 5.13 -24.99
C SER C 46 4.33 3.95 -25.46
N LEU C 47 5.56 4.23 -25.85
CA LEU C 47 6.48 3.25 -26.40
C LEU C 47 7.71 3.15 -25.52
N VAL C 48 8.07 1.92 -25.14
CA VAL C 48 9.24 1.66 -24.32
C VAL C 48 10.24 0.86 -25.14
N GLN C 49 11.50 1.29 -25.09
CA GLN C 49 12.55 0.59 -25.83
C GLN C 49 13.74 0.37 -24.91
N LEU C 50 14.30 -0.83 -24.97
CA LEU C 50 15.46 -1.20 -24.15
C LEU C 50 16.55 -1.72 -25.08
N THR C 51 17.77 -1.28 -24.85
CA THR C 51 18.88 -1.54 -25.77
C THR C 51 20.05 -2.17 -25.00
N LEU C 52 19.76 -3.19 -24.20
CA LEU C 52 20.80 -3.86 -23.45
C LEU C 52 21.77 -4.57 -24.39
N ARG C 53 23.02 -4.12 -24.41
CA ARG C 53 24.02 -4.67 -25.32
C ARG C 53 24.54 -5.99 -24.76
N SER C 54 25.47 -6.62 -25.47
CA SER C 54 26.06 -7.88 -25.05
C SER C 54 27.40 -7.70 -24.35
N GLU C 55 28.06 -6.56 -24.53
CA GLU C 55 29.37 -6.35 -23.92
C GLU C 55 29.27 -6.35 -22.41
N GLY C 56 28.24 -5.73 -21.84
CA GLY C 56 28.11 -5.68 -20.40
C GLY C 56 27.93 -7.04 -19.78
N PHE C 57 27.27 -7.95 -20.49
CA PHE C 57 27.14 -9.31 -20.00
C PHE C 57 28.51 -9.94 -19.81
N ASP C 58 28.72 -10.55 -18.65
CA ASP C 58 30.00 -11.21 -18.39
C ASP C 58 30.20 -12.41 -19.31
N THR C 59 29.16 -13.21 -19.48
CA THR C 59 29.19 -14.36 -20.37
C THR C 59 27.97 -14.31 -21.27
N TYR C 60 28.22 -14.18 -22.57
CA TYR C 60 27.15 -14.07 -23.56
C TYR C 60 27.29 -15.17 -24.60
N ARG C 61 26.18 -15.84 -24.89
CA ARG C 61 26.15 -16.86 -25.93
C ARG C 61 24.74 -16.97 -26.47
N CYS C 62 24.58 -16.63 -27.75
CA CYS C 62 23.29 -16.69 -28.42
C CYS C 62 23.47 -17.40 -29.75
N ASP C 63 23.20 -18.71 -29.75
CA ASP C 63 23.41 -19.50 -30.96
C ASP C 63 22.46 -19.08 -32.08
N ARG C 64 21.20 -18.83 -31.73
CA ARG C 64 20.19 -18.44 -32.70
C ARG C 64 19.32 -17.36 -32.09
N ASN C 65 18.76 -16.51 -32.96
CA ASN C 65 17.83 -15.49 -32.49
C ASN C 65 16.55 -16.12 -31.97
N LEU C 66 16.12 -15.71 -30.79
CA LEU C 66 14.91 -16.23 -30.18
C LEU C 66 13.99 -15.08 -29.78
N ALA C 67 12.74 -15.43 -29.48
CA ALA C 67 11.76 -14.50 -28.95
C ALA C 67 10.84 -15.27 -28.02
N MET C 68 10.83 -14.89 -26.74
CA MET C 68 10.04 -15.56 -25.73
C MET C 68 9.02 -14.60 -25.16
N GLY C 69 7.77 -15.06 -25.07
CA GLY C 69 6.72 -14.28 -24.46
C GLY C 69 6.63 -14.57 -22.97
N VAL C 70 6.89 -13.57 -22.16
CA VAL C 70 7.04 -13.74 -20.72
C VAL C 70 6.15 -12.74 -20.00
N ASN C 71 5.47 -13.19 -18.95
CA ASN C 71 4.63 -12.32 -18.15
C ASN C 71 5.52 -11.43 -17.30
N LEU C 72 5.46 -10.11 -17.54
CA LEU C 72 6.32 -9.17 -16.82
C LEU C 72 6.03 -9.17 -15.33
N THR C 73 4.75 -9.23 -14.96
CA THR C 73 4.42 -9.34 -13.54
C THR C 73 5.02 -10.59 -12.93
N SER C 74 4.96 -11.71 -13.66
CA SER C 74 5.54 -12.95 -13.17
C SER C 74 7.05 -12.82 -12.99
N MET C 75 7.72 -12.18 -13.95
CA MET C 75 9.15 -11.97 -13.83
C MET C 75 9.50 -11.14 -12.61
N SER C 76 8.73 -10.09 -12.36
CA SER C 76 8.99 -9.23 -11.21
C SER C 76 8.88 -10.02 -9.91
N LYS C 77 7.88 -10.89 -9.81
CA LYS C 77 7.72 -11.69 -8.60
C LYS C 77 8.94 -12.56 -8.34
N ILE C 78 9.47 -13.19 -9.40
CA ILE C 78 10.64 -14.03 -9.24
C ILE C 78 11.87 -13.19 -8.94
N LEU C 79 12.05 -12.09 -9.66
CA LEU C 79 13.23 -11.26 -9.51
C LEU C 79 13.35 -10.66 -8.11
N LYS C 80 12.24 -10.30 -7.48
CA LYS C 80 12.30 -9.69 -6.16
C LYS C 80 12.80 -10.67 -5.11
N CYS C 81 12.89 -11.95 -5.45
CA CYS C 81 13.40 -12.96 -4.52
C CYS C 81 14.92 -13.07 -4.55
N ALA C 82 15.61 -12.28 -5.36
CA ALA C 82 17.06 -12.31 -5.44
C ALA C 82 17.66 -11.04 -4.85
N GLY C 83 18.75 -11.19 -4.12
CA GLY C 83 19.36 -10.06 -3.45
C GLY C 83 20.04 -9.11 -4.42
N ASN C 84 20.35 -7.92 -3.91
CA ASN C 84 20.91 -6.84 -4.71
C ASN C 84 22.40 -7.00 -4.97
N GLU C 85 22.97 -8.17 -4.70
CA GLU C 85 24.40 -8.40 -4.93
C GLU C 85 24.67 -9.75 -5.59
N ASP C 86 23.64 -10.50 -5.93
CA ASP C 86 23.81 -11.82 -6.50
C ASP C 86 24.32 -11.73 -7.93
N ILE C 87 24.60 -12.89 -8.51
CA ILE C 87 25.10 -12.99 -9.88
C ILE C 87 24.03 -13.73 -10.68
N ILE C 88 23.30 -12.99 -11.52
CA ILE C 88 22.25 -13.61 -12.31
C ILE C 88 22.86 -14.50 -13.38
N THR C 89 22.22 -15.65 -13.60
CA THR C 89 22.68 -16.63 -14.58
C THR C 89 21.50 -17.04 -15.45
N LEU C 90 20.78 -16.05 -15.97
CA LEU C 90 19.68 -16.31 -16.88
C LEU C 90 20.16 -17.19 -18.03
N ARG C 91 19.43 -18.28 -18.26
CA ARG C 91 19.86 -19.29 -19.21
C ARG C 91 18.63 -20.00 -19.75
N ALA C 92 18.47 -19.99 -21.07
CA ALA C 92 17.27 -20.48 -21.72
C ALA C 92 17.62 -21.59 -22.71
N GLU C 93 16.78 -22.62 -22.74
CA GLU C 93 16.99 -23.77 -23.61
C GLU C 93 16.14 -23.61 -24.87
N ASP C 94 16.66 -24.10 -25.99
CA ASP C 94 16.02 -23.92 -27.29
C ASP C 94 14.62 -24.50 -27.28
N ASN C 95 13.63 -23.63 -27.52
CA ASN C 95 12.21 -23.98 -27.60
C ASN C 95 11.80 -25.00 -26.52
N ALA C 96 12.00 -24.59 -25.27
CA ALA C 96 11.65 -25.42 -24.13
C ALA C 96 10.61 -24.79 -23.21
N ASP C 97 10.23 -23.53 -23.45
CA ASP C 97 9.26 -22.81 -22.62
C ASP C 97 9.68 -22.81 -21.16
N THR C 98 10.99 -22.74 -20.95
CA THR C 98 11.56 -22.79 -19.60
C THR C 98 12.66 -21.74 -19.49
N LEU C 99 12.43 -20.72 -18.68
CA LEU C 99 13.44 -19.70 -18.40
C LEU C 99 14.10 -20.08 -17.08
N ALA C 100 15.32 -20.61 -17.18
CA ALA C 100 16.03 -21.10 -16.00
C ALA C 100 16.78 -19.94 -15.36
N LEU C 101 16.09 -19.24 -14.47
CA LEU C 101 16.76 -18.23 -13.66
C LEU C 101 17.56 -18.90 -12.55
N VAL C 102 18.82 -18.53 -12.44
CA VAL C 102 19.72 -19.06 -11.42
C VAL C 102 20.32 -17.88 -10.69
N PHE C 103 20.09 -17.79 -9.38
CA PHE C 103 20.64 -16.73 -8.56
C PHE C 103 21.86 -17.25 -7.84
N GLU C 104 23.01 -16.59 -8.07
CA GLU C 104 24.27 -16.99 -7.49
C GLU C 104 24.57 -16.11 -6.28
N ALA C 105 24.62 -16.73 -5.11
CA ALA C 105 24.94 -16.00 -3.90
C ALA C 105 26.43 -15.65 -3.88
N PRO C 106 26.80 -14.38 -3.76
CA PRO C 106 28.24 -14.05 -3.65
C PRO C 106 28.89 -14.67 -2.44
N ASN C 107 28.13 -14.99 -1.40
CA ASN C 107 28.68 -15.71 -0.26
C ASN C 107 29.13 -17.12 -0.64
N GLN C 108 28.64 -17.62 -1.78
CA GLN C 108 29.00 -18.93 -2.30
C GLN C 108 28.57 -20.04 -1.34
N GLU C 109 27.43 -19.85 -0.68
CA GLU C 109 26.91 -20.88 0.22
C GLU C 109 25.49 -21.24 -0.18
N LYS C 110 24.78 -20.31 -0.81
CA LYS C 110 23.40 -20.49 -1.19
C LYS C 110 23.28 -20.70 -2.69
N VAL C 111 22.49 -21.71 -3.06
CA VAL C 111 22.18 -22.00 -4.44
C VAL C 111 20.68 -21.82 -4.63
N SER C 112 20.31 -20.94 -5.56
CA SER C 112 18.92 -20.58 -5.79
C SER C 112 18.60 -20.80 -7.27
N ASP C 113 17.59 -21.60 -7.55
CA ASP C 113 17.17 -21.91 -8.90
C ASP C 113 15.66 -21.78 -9.02
N TYR C 114 15.21 -21.14 -10.09
CA TYR C 114 13.78 -21.05 -10.41
C TYR C 114 13.56 -21.29 -11.90
N GLU C 115 12.37 -21.76 -12.22
CA GLU C 115 11.91 -21.90 -13.59
C GLU C 115 10.53 -21.27 -13.70
N MET C 116 10.29 -20.59 -14.82
CA MET C 116 9.03 -19.93 -15.06
C MET C 116 8.53 -20.28 -16.45
N LYS C 117 7.21 -20.21 -16.62
CA LYS C 117 6.55 -20.66 -17.84
C LYS C 117 6.51 -19.49 -18.84
N LEU C 118 6.53 -19.83 -20.12
CA LEU C 118 6.61 -18.83 -21.18
C LEU C 118 5.29 -18.75 -21.94
N MET C 119 4.70 -17.56 -21.98
CA MET C 119 3.51 -17.35 -22.79
C MET C 119 3.90 -17.23 -24.27
N ASP C 120 2.87 -17.14 -25.12
CA ASP C 120 3.05 -17.03 -26.57
C ASP C 120 2.26 -15.82 -27.06
N LEU C 121 2.93 -14.66 -27.10
CA LEU C 121 2.33 -13.43 -27.57
C LEU C 121 2.61 -13.27 -29.07
N ASP C 122 2.35 -12.08 -29.61
CA ASP C 122 2.53 -11.82 -31.03
C ASP C 122 3.34 -10.54 -31.21
N VAL C 123 4.13 -10.51 -32.27
CA VAL C 123 5.03 -9.40 -32.55
C VAL C 123 4.34 -8.43 -33.50
N GLU C 124 4.57 -7.14 -33.28
CA GLU C 124 4.01 -6.10 -34.12
C GLU C 124 5.04 -5.23 -34.83
N GLN C 125 6.35 -5.53 -34.71
CA GLN C 125 7.43 -4.79 -35.37
C GLN C 125 7.15 -3.29 -35.44
N LEU C 126 7.06 -2.66 -34.26
CA LEU C 126 6.84 -1.22 -34.16
C LEU C 126 7.94 -0.44 -34.85
N GLY C 127 7.58 0.37 -35.85
CA GLY C 127 8.56 1.18 -36.53
C GLY C 127 8.91 2.42 -35.72
N ILE C 128 10.20 2.66 -35.54
CA ILE C 128 10.67 3.82 -34.77
C ILE C 128 11.25 4.84 -35.74
N PRO C 129 10.54 5.92 -36.02
CA PRO C 129 11.07 6.92 -36.96
C PRO C 129 12.16 7.77 -36.34
N GLU C 130 13.41 7.55 -36.72
CA GLU C 130 14.48 8.43 -36.27
C GLU C 130 14.26 9.81 -36.83
N GLN C 131 14.34 10.82 -35.95
CA GLN C 131 14.04 12.19 -36.33
C GLN C 131 14.63 13.06 -35.24
N GLU C 132 15.33 14.13 -35.64
CA GLU C 132 16.07 14.99 -34.73
C GLU C 132 15.14 15.72 -33.77
N TYR C 133 15.73 16.39 -32.79
CA TYR C 133 14.96 17.06 -31.75
C TYR C 133 15.50 18.49 -31.58
N SER C 134 14.58 19.46 -31.64
CA SER C 134 14.97 20.85 -31.55
C SER C 134 15.52 21.20 -30.18
N CYS C 135 14.81 20.81 -29.12
CA CYS C 135 15.19 21.18 -27.76
C CYS C 135 15.67 19.94 -27.03
N VAL C 136 16.90 20.01 -26.51
CA VAL C 136 17.55 18.90 -25.85
C VAL C 136 17.85 19.33 -24.43
N VAL C 137 17.42 18.52 -23.46
CA VAL C 137 17.59 18.82 -22.05
C VAL C 137 18.19 17.61 -21.35
N LYS C 138 19.25 17.84 -20.58
CA LYS C 138 19.73 16.84 -19.63
C LYS C 138 19.81 17.51 -18.27
N MET C 139 19.38 16.80 -17.24
CA MET C 139 19.32 17.36 -15.90
C MET C 139 19.16 16.20 -14.92
N PRO C 140 19.61 16.36 -13.68
CA PRO C 140 19.72 15.21 -12.78
C PRO C 140 18.37 14.54 -12.54
N SER C 141 18.41 13.21 -12.39
CA SER C 141 17.20 12.41 -12.44
C SER C 141 16.25 12.71 -11.29
N GLY C 142 16.79 12.92 -10.09
CA GLY C 142 15.94 13.08 -8.92
C GLY C 142 15.01 14.28 -9.02
N GLU C 143 15.56 15.42 -9.43
CA GLU C 143 14.74 16.64 -9.53
C GLU C 143 13.63 16.48 -10.55
N PHE C 144 13.90 15.80 -11.66
CA PHE C 144 12.84 15.53 -12.61
C PHE C 144 11.75 14.69 -11.98
N ALA C 145 12.14 13.63 -11.27
CA ALA C 145 11.17 12.87 -10.50
C ALA C 145 10.50 13.75 -9.46
N ARG C 146 11.28 14.62 -8.82
CA ARG C 146 10.70 15.54 -7.87
C ARG C 146 9.68 16.45 -8.53
N ILE C 147 10.05 17.06 -9.65
CA ILE C 147 9.18 18.03 -10.30
C ILE C 147 7.90 17.35 -10.80
N CYS C 148 8.04 16.20 -11.45
CA CYS C 148 6.86 15.52 -11.97
C CYS C 148 5.99 14.96 -10.86
N ARG C 149 6.54 14.77 -9.66
CA ARG C 149 5.71 14.33 -8.56
C ARG C 149 4.99 15.51 -7.92
N ASP C 150 5.66 16.66 -7.84
CA ASP C 150 5.05 17.84 -7.23
C ASP C 150 3.86 18.34 -8.04
N LEU C 151 4.04 18.46 -9.36
CA LEU C 151 2.97 19.00 -10.20
C LEU C 151 1.80 18.05 -10.33
N SER C 152 1.94 16.81 -9.85
CA SER C 152 0.80 15.89 -9.89
C SER C 152 -0.33 16.38 -9.02
N HIS C 153 -0.03 16.95 -7.86
CA HIS C 153 -1.08 17.42 -6.96
C HIS C 153 -1.88 18.56 -7.58
N ILE C 154 -1.20 19.56 -8.13
CA ILE C 154 -1.87 20.78 -8.57
C ILE C 154 -2.73 20.52 -9.81
N GLY C 155 -2.21 19.79 -10.78
CA GLY C 155 -2.94 19.59 -12.01
C GLY C 155 -2.84 18.20 -12.61
N ASP C 156 -3.17 18.07 -13.89
CA ASP C 156 -3.09 16.79 -14.59
C ASP C 156 -2.35 16.94 -15.91
N ALA C 157 -2.22 18.17 -16.40
CA ALA C 157 -1.51 18.45 -17.63
C ALA C 157 -0.35 19.40 -17.34
N VAL C 158 0.71 19.29 -18.13
CA VAL C 158 1.89 20.12 -17.96
C VAL C 158 2.20 20.80 -19.29
N VAL C 159 2.52 22.08 -19.23
CA VAL C 159 3.00 22.83 -20.38
C VAL C 159 4.50 23.01 -20.19
N ILE C 160 5.29 22.36 -21.03
CA ILE C 160 6.73 22.48 -20.98
C ILE C 160 7.16 23.49 -22.05
N SER C 161 7.70 24.61 -21.61
CA SER C 161 8.19 25.65 -22.51
C SER C 161 9.71 25.62 -22.44
N CYS C 162 10.34 25.10 -23.48
CA CYS C 162 11.79 25.02 -23.56
C CYS C 162 12.31 26.43 -23.86
N ALA C 163 12.47 27.21 -22.80
CA ALA C 163 12.99 28.57 -22.92
C ALA C 163 14.51 28.54 -22.85
N LYS C 164 15.14 29.42 -23.62
CA LYS C 164 16.60 29.51 -23.62
C LYS C 164 17.14 29.90 -22.26
N ASP C 165 16.38 30.63 -21.45
CA ASP C 165 16.79 30.98 -20.09
C ASP C 165 16.56 29.84 -19.09
N GLY C 166 15.90 28.76 -19.49
CA GLY C 166 15.62 27.66 -18.61
C GLY C 166 14.26 27.04 -18.85
N VAL C 167 14.20 25.71 -18.79
CA VAL C 167 12.94 25.02 -19.01
C VAL C 167 11.98 25.32 -17.85
N LYS C 168 10.74 25.64 -18.20
CA LYS C 168 9.74 25.98 -17.19
C LYS C 168 8.59 24.99 -17.29
N PHE C 169 8.24 24.37 -16.17
CA PHE C 169 7.14 23.43 -16.09
C PHE C 169 5.96 24.11 -15.44
N SER C 170 4.82 24.09 -16.11
CA SER C 170 3.63 24.78 -15.63
C SER C 170 2.45 23.82 -15.67
N ALA C 171 1.59 23.91 -14.67
CA ALA C 171 0.36 23.13 -14.63
C ALA C 171 -0.75 24.02 -14.10
N SER C 172 -1.99 23.71 -14.50
CA SER C 172 -3.15 24.47 -14.07
C SER C 172 -4.24 23.51 -13.62
N GLY C 173 -4.84 23.80 -12.48
CA GLY C 173 -5.92 23.00 -11.96
C GLY C 173 -6.89 23.82 -11.13
N GLU C 174 -7.90 23.17 -10.56
CA GLU C 174 -8.85 23.90 -9.73
C GLU C 174 -8.22 24.41 -8.45
N LEU C 175 -7.08 23.86 -8.04
CA LEU C 175 -6.38 24.40 -6.87
C LEU C 175 -5.55 25.62 -7.20
N GLY C 176 -5.40 25.96 -8.47
CA GLY C 176 -4.64 27.11 -8.88
C GLY C 176 -3.74 26.74 -10.02
N ASN C 177 -2.73 27.57 -10.25
CA ASN C 177 -1.72 27.31 -11.27
C ASN C 177 -0.35 27.60 -10.69
N GLY C 178 0.63 26.82 -11.14
CA GLY C 178 1.98 26.96 -10.64
C GLY C 178 3.01 26.65 -11.70
N ASN C 179 4.07 27.44 -11.74
CA ASN C 179 5.15 27.24 -12.71
C ASN C 179 6.45 27.02 -11.98
N ILE C 180 7.21 26.02 -12.41
CA ILE C 180 8.53 25.72 -11.88
C ILE C 180 9.53 25.83 -13.02
N LYS C 181 10.61 26.57 -12.79
CA LYS C 181 11.63 26.73 -13.80
C LYS C 181 13.01 26.57 -13.18
N LEU C 182 13.97 26.17 -14.00
CA LEU C 182 15.34 25.98 -13.57
C LEU C 182 16.27 26.92 -14.33
N SER C 183 17.51 26.97 -13.88
CA SER C 183 18.54 27.80 -14.48
C SER C 183 19.72 26.92 -14.89
N GLN C 184 20.28 27.21 -16.06
CA GLN C 184 21.39 26.42 -16.57
C GLN C 184 22.57 26.49 -15.61
N THR C 185 23.10 25.34 -15.25
CA THR C 185 24.28 25.27 -14.40
C THR C 185 25.51 25.61 -15.24
N SER C 186 26.33 26.53 -14.73
CA SER C 186 27.48 27.04 -15.47
C SER C 186 28.81 26.48 -14.98
N ASN C 187 29.07 26.57 -13.67
CA ASN C 187 30.38 26.22 -13.14
C ASN C 187 30.46 24.87 -12.45
N VAL C 188 29.34 24.35 -11.95
CA VAL C 188 29.38 23.06 -11.26
C VAL C 188 29.77 21.98 -12.24
N ASP C 189 30.97 21.42 -12.06
CA ASP C 189 31.47 20.38 -12.95
C ASP C 189 30.82 19.03 -12.71
N LYS C 190 30.08 18.88 -11.60
CA LYS C 190 29.45 17.60 -11.29
C LYS C 190 28.43 17.24 -12.35
N GLU C 191 28.62 16.06 -12.96
CA GLU C 191 27.68 15.57 -13.96
C GLU C 191 26.29 15.33 -13.36
N GLU C 192 26.20 15.14 -12.06
CA GLU C 192 24.92 14.95 -11.38
C GLU C 192 24.29 16.26 -10.95
N GLU C 193 24.71 17.39 -11.54
CA GLU C 193 24.13 18.68 -11.19
C GLU C 193 23.83 19.56 -12.39
N ALA C 194 24.35 19.27 -13.58
CA ALA C 194 24.16 20.14 -14.72
C ALA C 194 22.71 20.13 -15.18
N VAL C 195 22.23 21.29 -15.63
CA VAL C 195 20.88 21.43 -16.16
C VAL C 195 20.99 21.97 -17.59
N THR C 196 22.04 21.56 -18.29
CA THR C 196 22.34 22.09 -19.62
C THR C 196 21.16 21.87 -20.57
N ILE C 197 20.81 22.93 -21.30
CA ILE C 197 19.72 22.92 -22.27
C ILE C 197 20.28 23.26 -23.64
N GLU C 198 19.91 22.48 -24.64
CA GLU C 198 20.26 22.73 -26.03
C GLU C 198 19.06 23.33 -26.74
N MET C 199 19.27 24.47 -27.38
CA MET C 199 18.19 25.26 -27.95
C MET C 199 18.33 25.33 -29.47
N ASN C 200 17.26 25.04 -30.17
CA ASN C 200 17.20 25.25 -31.61
C ASN C 200 16.03 26.13 -32.02
N GLU C 201 14.85 25.92 -31.44
CA GLU C 201 13.71 26.82 -31.57
C GLU C 201 12.89 26.63 -30.31
N PRO C 202 12.23 27.67 -29.82
CA PRO C 202 11.35 27.50 -28.64
C PRO C 202 10.20 26.57 -28.98
N VAL C 203 9.78 25.78 -27.98
CA VAL C 203 8.73 24.79 -28.13
C VAL C 203 7.87 24.75 -26.88
N GLN C 204 6.58 24.52 -27.08
CA GLN C 204 5.65 24.35 -25.97
C GLN C 204 4.69 23.23 -26.34
N LEU C 205 4.56 22.24 -25.46
CA LEU C 205 3.67 21.10 -25.68
C LEU C 205 2.98 20.75 -24.37
N THR C 206 2.25 19.65 -24.38
CA THR C 206 1.40 19.27 -23.26
C THR C 206 1.40 17.76 -23.12
N PHE C 207 1.43 17.27 -21.89
CA PHE C 207 1.54 15.84 -21.63
C PHE C 207 0.75 15.48 -20.39
N ALA C 208 0.24 14.25 -20.35
CA ALA C 208 -0.53 13.80 -19.21
C ALA C 208 0.40 13.32 -18.11
N LEU C 209 0.26 13.90 -16.92
CA LEU C 209 1.19 13.60 -15.83
C LEU C 209 1.07 12.17 -15.34
N ARG C 210 -0.06 11.50 -15.59
CA ARG C 210 -0.22 10.14 -15.12
C ARG C 210 0.84 9.23 -15.74
N TYR C 211 1.33 9.59 -16.93
CA TYR C 211 2.36 8.78 -17.58
C TYR C 211 3.75 9.23 -17.20
N LEU C 212 3.96 10.52 -17.00
CA LEU C 212 5.29 10.98 -16.58
C LEU C 212 5.67 10.40 -15.23
N ASN C 213 4.70 10.25 -14.32
CA ASN C 213 4.99 9.59 -13.06
C ASN C 213 5.35 8.13 -13.28
N PHE C 214 4.68 7.47 -14.23
CA PHE C 214 5.02 6.08 -14.53
C PHE C 214 6.44 5.97 -15.05
N PHE C 215 6.83 6.88 -15.93
CA PHE C 215 8.15 6.77 -16.56
C PHE C 215 9.26 6.85 -15.53
N THR C 216 9.17 7.78 -14.60
CA THR C 216 10.30 8.03 -13.71
C THR C 216 10.47 6.99 -12.64
N LYS C 217 9.81 5.84 -12.69
CA LYS C 217 10.09 4.80 -11.70
C LYS C 217 11.48 4.22 -11.86
N ALA C 218 12.15 4.50 -12.98
CA ALA C 218 13.49 3.99 -13.23
C ALA C 218 14.58 5.00 -12.89
N THR C 219 14.33 5.88 -11.92
CA THR C 219 15.39 6.78 -11.48
C THR C 219 16.62 6.06 -10.90
N PRO C 220 16.50 5.00 -10.09
CA PRO C 220 17.73 4.38 -9.55
C PRO C 220 18.65 3.83 -10.63
N LEU C 221 18.16 3.67 -11.86
CA LEU C 221 18.99 3.15 -12.93
C LEU C 221 20.15 4.07 -13.25
N SER C 222 19.91 5.38 -13.22
CA SER C 222 20.96 6.32 -13.60
C SER C 222 20.70 7.66 -12.92
N SER C 223 21.73 8.49 -12.92
CA SER C 223 21.66 9.78 -12.24
C SER C 223 21.12 10.90 -13.11
N THR C 224 21.29 10.81 -14.42
CA THR C 224 20.91 11.88 -15.33
C THR C 224 19.91 11.36 -16.35
N VAL C 225 18.86 12.15 -16.59
CA VAL C 225 17.87 11.84 -17.62
C VAL C 225 18.03 12.85 -18.74
N THR C 226 17.79 12.40 -19.96
CA THR C 226 17.90 13.26 -21.14
C THR C 226 16.54 13.38 -21.80
N LEU C 227 16.07 14.61 -21.96
CA LEU C 227 14.79 14.90 -22.61
C LEU C 227 15.05 15.57 -23.94
N SER C 228 14.49 15.02 -25.00
CA SER C 228 14.57 15.59 -26.32
C SER C 228 13.15 15.78 -26.84
N MET C 229 12.90 16.92 -27.48
CA MET C 229 11.54 17.23 -27.90
C MET C 229 11.59 18.31 -28.97
N SER C 230 10.55 18.34 -29.78
CA SER C 230 10.41 19.31 -30.86
C SER C 230 8.94 19.46 -31.20
N ALA C 231 8.67 20.12 -32.32
CA ALA C 231 7.30 20.37 -32.73
C ALA C 231 6.65 19.10 -33.25
N ASP C 232 5.47 18.77 -32.72
CA ASP C 232 4.62 17.69 -33.20
C ASP C 232 5.33 16.34 -33.24
N VAL C 233 6.21 16.09 -32.27
CA VAL C 233 6.89 14.80 -32.18
C VAL C 233 6.69 14.28 -30.76
N PRO C 234 6.63 12.96 -30.55
CA PRO C 234 6.44 12.44 -29.20
C PRO C 234 7.61 12.77 -28.30
N LEU C 235 7.31 12.92 -27.01
CA LEU C 235 8.36 13.16 -26.03
C LEU C 235 9.22 11.91 -25.89
N VAL C 236 10.53 12.12 -25.74
CA VAL C 236 11.45 11.02 -25.49
C VAL C 236 12.22 11.30 -24.20
N VAL C 237 12.12 10.37 -23.26
CA VAL C 237 12.85 10.42 -22.00
C VAL C 237 13.92 9.35 -22.07
N GLU C 238 15.18 9.72 -21.81
CA GLU C 238 16.30 8.83 -22.00
C GLU C 238 17.06 8.62 -20.70
N TYR C 239 17.29 7.35 -20.35
CA TYR C 239 18.13 6.97 -19.24
C TYR C 239 19.32 6.19 -19.78
N LYS C 240 20.46 6.31 -19.10
CA LYS C 240 21.68 5.61 -19.50
C LYS C 240 22.02 4.56 -18.46
N ILE C 241 21.86 3.28 -18.80
CA ILE C 241 22.13 2.19 -17.86
C ILE C 241 23.62 1.90 -17.97
N ALA C 242 24.41 2.65 -17.20
CA ALA C 242 25.87 2.52 -17.13
C ALA C 242 26.40 2.47 -18.57
N ASP C 243 27.09 1.42 -18.98
CA ASP C 243 27.63 1.31 -20.33
C ASP C 243 27.13 0.10 -21.09
N MET C 244 26.06 -0.54 -20.62
CA MET C 244 25.53 -1.71 -21.32
C MET C 244 24.28 -1.42 -22.13
N GLY C 245 23.68 -0.25 -21.97
CA GLY C 245 22.52 0.07 -22.78
C GLY C 245 21.77 1.28 -22.24
N HIS C 246 20.67 1.61 -22.92
CA HIS C 246 19.88 2.77 -22.56
C HIS C 246 18.41 2.39 -22.58
N LEU C 247 17.63 3.11 -21.79
CA LEU C 247 16.20 2.89 -21.66
C LEU C 247 15.47 4.17 -22.04
N LYS C 248 14.86 4.19 -23.22
CA LYS C 248 14.18 5.36 -23.73
C LYS C 248 12.68 5.15 -23.70
N TYR C 249 11.95 6.21 -23.39
CA TYR C 249 10.50 6.21 -23.37
C TYR C 249 10.00 7.12 -24.46
N TYR C 250 8.78 6.85 -24.94
CA TYR C 250 8.14 7.68 -25.95
C TYR C 250 6.74 8.05 -25.50
N LEU C 251 6.47 9.36 -25.47
CA LEU C 251 5.16 9.86 -25.06
C LEU C 251 4.66 10.84 -26.10
N ALA C 252 3.51 10.52 -26.68
CA ALA C 252 2.89 11.38 -27.70
C ALA C 252 2.25 12.57 -27.04
N PRO C 253 2.49 13.79 -27.52
CA PRO C 253 1.87 14.97 -26.90
C PRO C 253 0.36 14.88 -26.95
N LYS C 254 -0.28 15.34 -25.88
CA LYS C 254 -1.73 15.42 -25.85
C LYS C 254 -2.23 16.34 -26.96
N ILE C 255 -3.20 15.86 -27.73
CA ILE C 255 -3.73 16.63 -28.85
C ILE C 255 -4.36 17.90 -28.31
N GLU C 256 -4.11 19.02 -29.00
CA GLU C 256 -4.45 20.33 -28.47
C GLU C 256 -5.96 20.52 -28.33
N ASP C 257 -6.75 19.72 -29.07
CA ASP C 257 -8.20 19.82 -29.00
C ASP C 257 -8.82 18.81 -28.03
N GLU C 258 -8.00 17.98 -27.37
CA GLU C 258 -8.55 17.01 -26.42
C GLU C 258 -9.22 17.70 -25.26
N GLU C 259 -8.59 18.74 -24.72
CA GLU C 259 -9.21 19.51 -23.65
C GLU C 259 -10.35 20.39 -24.16
N GLY C 260 -10.33 20.75 -25.45
CA GLY C 260 -11.44 21.50 -26.00
C GLY C 260 -12.73 20.70 -26.05
N SER C 261 -12.61 19.40 -26.32
CA SER C 261 -13.77 18.53 -26.35
C SER C 261 -13.84 17.67 -25.09
N MET D 1 2.05 -14.62 46.53
CA MET D 1 2.05 -13.59 45.50
C MET D 1 3.26 -13.80 44.60
N PHE D 2 3.14 -13.45 43.31
CA PHE D 2 4.18 -13.71 42.34
C PHE D 2 4.79 -12.38 41.90
N GLU D 3 6.12 -12.30 41.92
CA GLU D 3 6.83 -11.10 41.54
C GLU D 3 8.00 -11.52 40.67
N ALA D 4 8.16 -10.86 39.52
CA ALA D 4 9.29 -11.12 38.62
C ALA D 4 9.85 -9.78 38.15
N ARG D 5 11.17 -9.64 38.20
CA ARG D 5 11.85 -8.46 37.70
C ARG D 5 12.70 -8.89 36.51
N LEU D 6 12.48 -8.24 35.37
CA LEU D 6 13.21 -8.53 34.14
C LEU D 6 13.96 -7.28 33.69
N VAL D 7 15.27 -7.41 33.52
CA VAL D 7 16.06 -6.29 33.04
C VAL D 7 15.78 -6.04 31.56
N GLN D 8 15.74 -7.10 30.77
CA GLN D 8 15.56 -6.98 29.32
C GLN D 8 14.07 -7.05 29.00
N GLY D 9 13.42 -5.89 28.98
CA GLY D 9 12.01 -5.86 28.61
C GLY D 9 11.77 -6.14 27.14
N SER D 10 12.73 -5.85 26.28
CA SER D 10 12.57 -6.11 24.85
C SER D 10 12.41 -7.60 24.60
N ILE D 11 13.04 -8.44 25.41
CA ILE D 11 12.91 -9.89 25.23
C ILE D 11 11.46 -10.31 25.39
N LEU D 12 10.81 -9.85 26.46
CA LEU D 12 9.40 -10.17 26.66
C LEU D 12 8.55 -9.54 25.55
N LYS D 13 8.96 -8.36 25.08
CA LYS D 13 8.25 -7.74 23.96
C LYS D 13 8.34 -8.60 22.72
N LYS D 14 9.55 -9.02 22.35
CA LYS D 14 9.74 -9.78 21.12
C LYS D 14 8.98 -11.10 21.16
N VAL D 15 8.78 -11.65 22.35
CA VAL D 15 8.05 -12.91 22.48
C VAL D 15 6.61 -12.74 21.98
N LEU D 16 5.97 -11.63 22.39
CA LEU D 16 4.54 -11.48 22.14
C LEU D 16 4.21 -11.41 20.66
N GLU D 17 4.96 -10.63 19.88
CA GLU D 17 4.61 -10.45 18.47
C GLU D 17 4.63 -11.78 17.73
N ALA D 18 5.57 -12.65 18.07
CA ALA D 18 5.59 -13.97 17.47
C ALA D 18 4.32 -14.75 17.78
N LEU D 19 3.86 -14.67 19.03
CA LEU D 19 2.70 -15.43 19.47
C LEU D 19 1.38 -14.74 19.19
N LYS D 20 1.40 -13.42 18.92
CA LYS D 20 0.15 -12.66 18.92
C LYS D 20 -0.76 -13.04 17.76
N ASP D 21 -0.18 -13.28 16.58
CA ASP D 21 -0.97 -13.56 15.39
C ASP D 21 -1.33 -15.03 15.26
N LEU D 22 -0.81 -15.88 16.13
CA LEU D 22 -1.02 -17.32 16.03
C LEU D 22 -1.93 -17.88 17.11
N ILE D 23 -1.88 -17.33 18.31
CA ILE D 23 -2.57 -17.87 19.47
C ILE D 23 -3.34 -16.75 20.15
N ASN D 24 -4.59 -17.03 20.54
CA ASN D 24 -5.40 -16.01 21.18
C ASN D 24 -5.33 -16.07 22.70
N GLU D 25 -5.44 -17.27 23.27
CA GLU D 25 -5.46 -17.45 24.72
C GLU D 25 -4.39 -18.45 25.13
N ALA D 26 -3.85 -18.28 26.33
CA ALA D 26 -2.84 -19.19 26.84
C ALA D 26 -2.90 -19.23 28.36
N CYS D 27 -2.37 -20.31 28.92
CA CYS D 27 -2.26 -20.49 30.36
C CYS D 27 -0.78 -20.49 30.73
N TRP D 28 -0.38 -19.56 31.58
CA TRP D 28 1.02 -19.40 31.96
C TRP D 28 1.25 -20.15 33.27
N ASP D 29 1.59 -21.42 33.17
CA ASP D 29 1.88 -22.22 34.36
C ASP D 29 3.16 -21.70 34.99
N ILE D 30 3.06 -21.24 36.23
CA ILE D 30 4.17 -20.59 36.92
C ILE D 30 4.60 -21.47 38.08
N SER D 31 5.89 -21.79 38.12
CA SER D 31 6.47 -22.59 39.19
C SER D 31 7.79 -21.96 39.61
N SER D 32 8.37 -22.49 40.68
CA SER D 32 9.67 -22.02 41.12
C SER D 32 10.74 -22.27 40.07
N SER D 33 10.52 -23.25 39.20
CA SER D 33 11.46 -23.50 38.11
C SER D 33 11.54 -22.31 37.16
N GLY D 34 10.40 -21.68 36.91
CA GLY D 34 10.38 -20.53 36.01
C GLY D 34 9.01 -20.37 35.38
N VAL D 35 9.02 -19.81 34.18
CA VAL D 35 7.80 -19.53 33.42
C VAL D 35 7.64 -20.58 32.35
N ASN D 36 6.43 -21.12 32.22
CA ASN D 36 6.13 -22.13 31.21
C ASN D 36 4.87 -21.73 30.47
N LEU D 37 4.82 -22.08 29.19
CA LEU D 37 3.62 -21.84 28.39
C LEU D 37 3.54 -22.94 27.33
N GLN D 38 2.42 -23.67 27.32
CA GLN D 38 2.12 -24.63 26.27
C GLN D 38 0.70 -24.34 25.82
N SER D 39 0.49 -24.27 24.50
CA SER D 39 -0.81 -23.85 23.99
C SER D 39 -1.00 -24.39 22.58
N MET D 40 -1.96 -25.29 22.42
CA MET D 40 -2.34 -25.78 21.11
C MET D 40 -3.04 -24.65 20.33
N ASP D 41 -2.71 -24.55 19.04
CA ASP D 41 -3.01 -23.34 18.28
C ASP D 41 -4.51 -23.23 18.00
N SER D 42 -4.89 -22.16 17.30
CA SER D 42 -6.30 -21.90 17.02
C SER D 42 -6.87 -22.91 16.03
N SER D 43 -6.18 -23.12 14.91
CA SER D 43 -6.69 -23.96 13.84
C SER D 43 -6.57 -25.45 14.13
N HIS D 44 -6.10 -25.81 15.33
CA HIS D 44 -5.93 -27.21 15.74
C HIS D 44 -5.01 -27.96 14.78
N VAL D 45 -3.88 -27.33 14.46
CA VAL D 45 -2.86 -27.92 13.59
C VAL D 45 -1.50 -27.92 14.25
N SER D 46 -1.04 -26.76 14.71
CA SER D 46 0.31 -26.59 15.21
C SER D 46 0.31 -26.45 16.73
N LEU D 47 1.49 -26.67 17.31
CA LEU D 47 1.68 -26.59 18.75
C LEU D 47 2.82 -25.64 19.06
N VAL D 48 2.66 -24.84 20.11
CA VAL D 48 3.67 -23.89 20.54
C VAL D 48 4.01 -24.15 22.00
N GLN D 49 5.29 -24.24 22.30
CA GLN D 49 5.77 -24.46 23.65
C GLN D 49 6.78 -23.37 24.00
N LEU D 50 6.66 -22.84 25.22
CA LEU D 50 7.53 -21.78 25.67
C LEU D 50 7.97 -22.06 27.11
N THR D 51 9.24 -21.82 27.38
CA THR D 51 9.80 -22.03 28.71
C THR D 51 10.77 -20.91 29.02
N LEU D 52 10.68 -20.38 30.24
CA LEU D 52 11.58 -19.34 30.72
C LEU D 52 12.13 -19.76 32.07
N ARG D 53 13.44 -19.94 32.16
CA ARG D 53 14.06 -20.37 33.40
C ARG D 53 14.10 -19.23 34.40
N SER D 54 13.82 -19.56 35.66
CA SER D 54 13.75 -18.55 36.70
C SER D 54 15.11 -17.91 36.97
N GLU D 55 16.18 -18.68 36.83
CA GLU D 55 17.52 -18.18 37.15
C GLU D 55 17.91 -16.98 36.30
N GLY D 56 17.45 -16.90 35.06
CA GLY D 56 17.82 -15.78 34.21
C GLY D 56 17.26 -14.46 34.68
N PHE D 57 16.06 -14.48 35.27
CA PHE D 57 15.45 -13.25 35.76
C PHE D 57 16.30 -12.63 36.85
N ASP D 58 16.34 -11.29 36.86
CA ASP D 58 17.07 -10.59 37.92
C ASP D 58 16.45 -10.86 39.28
N THR D 59 15.12 -10.86 39.36
CA THR D 59 14.43 -11.17 40.61
C THR D 59 13.19 -11.98 40.29
N TYR D 60 12.94 -13.01 41.08
CA TYR D 60 11.85 -13.94 40.85
C TYR D 60 11.45 -14.60 42.16
N ARG D 61 10.14 -14.76 42.35
CA ARG D 61 9.63 -15.45 43.53
C ARG D 61 8.17 -15.82 43.27
N CYS D 62 7.84 -17.09 43.49
CA CYS D 62 6.47 -17.57 43.40
C CYS D 62 6.31 -18.69 44.41
N ASP D 63 5.50 -18.44 45.45
CA ASP D 63 5.36 -19.40 46.54
C ASP D 63 4.57 -20.64 46.12
N ARG D 64 3.48 -20.45 45.38
CA ARG D 64 2.60 -21.55 45.02
C ARG D 64 2.27 -21.46 43.54
N ASN D 65 2.20 -22.62 42.89
CA ASN D 65 2.09 -22.69 41.44
C ASN D 65 0.80 -22.04 40.94
N LEU D 66 0.88 -21.43 39.77
CA LEU D 66 -0.23 -20.64 39.24
C LEU D 66 -0.20 -20.65 37.72
N ALA D 67 -1.38 -20.71 37.12
CA ALA D 67 -1.56 -20.60 35.67
C ALA D 67 -2.68 -19.62 35.41
N MET D 68 -2.40 -18.58 34.62
CA MET D 68 -3.38 -17.53 34.33
C MET D 68 -3.83 -17.64 32.89
N GLY D 69 -5.14 -17.56 32.68
CA GLY D 69 -5.67 -17.43 31.34
C GLY D 69 -5.68 -15.98 30.92
N VAL D 70 -4.79 -15.62 29.99
CA VAL D 70 -4.55 -14.23 29.63
C VAL D 70 -4.75 -14.07 28.14
N ASN D 71 -5.50 -13.04 27.74
CA ASN D 71 -5.66 -12.74 26.33
C ASN D 71 -4.33 -12.33 25.74
N LEU D 72 -3.94 -12.98 24.63
CA LEU D 72 -2.69 -12.63 23.98
C LEU D 72 -2.79 -11.30 23.26
N THR D 73 -3.88 -11.09 22.52
CA THR D 73 -4.00 -9.87 21.72
C THR D 73 -4.06 -8.64 22.61
N SER D 74 -4.83 -8.69 23.69
CA SER D 74 -4.95 -7.53 24.56
C SER D 74 -3.64 -7.23 25.27
N MET D 75 -3.03 -8.22 25.90
CA MET D 75 -1.82 -7.98 26.66
C MET D 75 -0.67 -7.58 25.75
N SER D 76 -0.69 -8.05 24.51
CA SER D 76 0.30 -7.60 23.53
C SER D 76 0.17 -6.12 23.25
N LYS D 77 -1.08 -5.62 23.21
CA LYS D 77 -1.30 -4.20 22.94
C LYS D 77 -0.60 -3.32 23.96
N ILE D 78 -0.68 -3.70 25.24
CA ILE D 78 -0.12 -2.87 26.29
C ILE D 78 1.39 -2.75 26.15
N LEU D 79 2.07 -3.86 25.91
CA LEU D 79 3.53 -3.84 25.87
C LEU D 79 4.05 -2.97 24.73
N LYS D 80 3.24 -2.75 23.70
CA LYS D 80 3.68 -1.86 22.63
C LYS D 80 3.88 -0.44 23.14
N CYS D 81 3.22 -0.09 24.24
CA CYS D 81 3.39 1.23 24.84
C CYS D 81 4.67 1.35 25.66
N ALA D 82 5.32 0.24 25.97
CA ALA D 82 6.54 0.25 26.78
C ALA D 82 7.76 0.40 25.89
N GLY D 83 8.74 1.15 26.38
CA GLY D 83 9.96 1.35 25.63
C GLY D 83 10.79 0.08 25.54
N ASN D 84 11.62 0.02 24.49
CA ASN D 84 12.41 -1.17 24.23
C ASN D 84 13.47 -1.44 25.29
N GLU D 85 13.82 -0.44 26.09
CA GLU D 85 14.86 -0.59 27.10
C GLU D 85 14.33 -0.44 28.52
N ASP D 86 13.03 -0.65 28.72
CA ASP D 86 12.48 -0.54 30.06
C ASP D 86 12.86 -1.74 30.92
N ILE D 87 12.54 -1.65 32.20
CA ILE D 87 12.81 -2.72 33.15
C ILE D 87 11.45 -3.18 33.65
N ILE D 88 10.90 -4.20 32.99
CA ILE D 88 9.56 -4.67 33.32
C ILE D 88 9.60 -5.43 34.64
N THR D 89 8.51 -5.33 35.41
CA THR D 89 8.42 -5.89 36.75
C THR D 89 7.10 -6.64 36.92
N LEU D 90 6.83 -7.55 35.99
CA LEU D 90 5.65 -8.41 36.05
C LEU D 90 5.36 -8.88 37.47
N ARG D 91 4.13 -8.66 37.91
CA ARG D 91 3.74 -9.00 39.27
C ARG D 91 2.26 -9.36 39.30
N ALA D 92 1.93 -10.39 40.08
CA ALA D 92 0.56 -10.83 40.25
C ALA D 92 0.42 -11.45 41.64
N GLU D 93 -0.64 -11.06 42.34
CA GLU D 93 -0.81 -11.50 43.72
C GLU D 93 -1.45 -12.88 43.78
N ASP D 94 -1.50 -13.43 45.01
CA ASP D 94 -2.08 -14.76 45.21
C ASP D 94 -3.55 -14.78 44.83
N ASN D 95 -4.31 -13.75 45.22
CA ASN D 95 -5.72 -13.66 44.85
C ASN D 95 -5.79 -13.28 43.37
N ALA D 96 -5.76 -14.32 42.53
CA ALA D 96 -5.61 -14.14 41.09
C ALA D 96 -6.87 -13.53 40.51
N ASP D 97 -6.86 -12.20 40.33
CA ASP D 97 -7.94 -11.52 39.63
C ASP D 97 -7.46 -10.49 38.62
N THR D 98 -6.25 -9.94 38.76
CA THR D 98 -5.74 -8.93 37.85
C THR D 98 -4.22 -9.10 37.72
N LEU D 99 -3.66 -8.52 36.68
CA LEU D 99 -2.24 -8.61 36.40
C LEU D 99 -1.66 -7.19 36.38
N ALA D 100 -0.54 -7.01 37.06
CA ALA D 100 0.09 -5.70 37.21
C ALA D 100 1.38 -5.65 36.39
N LEU D 101 1.54 -4.59 35.60
CA LEU D 101 2.76 -4.34 34.85
C LEU D 101 3.37 -3.02 35.30
N VAL D 102 4.68 -3.03 35.55
CA VAL D 102 5.33 -1.95 36.29
C VAL D 102 6.43 -1.33 35.43
N PHE D 103 6.18 -1.22 34.12
CA PHE D 103 7.14 -0.64 33.17
C PHE D 103 7.88 0.56 33.74
N GLU D 104 9.20 0.57 33.61
CA GLU D 104 10.04 1.62 34.14
C GLU D 104 10.78 2.32 33.00
N ALA D 105 11.73 3.18 33.37
CA ALA D 105 12.55 3.90 32.41
C ALA D 105 14.01 3.82 32.83
N PRO D 106 14.93 3.83 31.87
CA PRO D 106 16.35 3.75 32.22
C PRO D 106 16.83 4.92 33.07
N ASN D 107 16.26 6.11 32.88
CA ASN D 107 16.67 7.28 33.65
C ASN D 107 16.00 7.35 35.02
N GLN D 108 15.12 6.39 35.33
CA GLN D 108 14.36 6.38 36.57
C GLN D 108 13.64 7.71 36.78
N GLU D 109 13.07 8.25 35.70
CA GLU D 109 12.34 9.51 35.76
C GLU D 109 10.88 9.38 35.36
N LYS D 110 10.49 8.29 34.72
CA LYS D 110 9.12 8.07 34.28
C LYS D 110 8.74 6.63 34.55
N VAL D 111 7.66 6.43 35.30
CA VAL D 111 7.17 5.08 35.56
C VAL D 111 5.76 4.96 35.02
N SER D 112 5.42 3.77 34.53
CA SER D 112 4.12 3.51 33.94
C SER D 112 3.56 2.24 34.55
N ASP D 113 2.29 2.31 34.96
CA ASP D 113 1.61 1.18 35.58
C ASP D 113 0.37 0.84 34.79
N TYR D 114 0.13 -0.46 34.62
CA TYR D 114 -1.03 -0.93 33.86
C TYR D 114 -1.61 -2.14 34.57
N GLU D 115 -2.91 -2.35 34.38
CA GLU D 115 -3.63 -3.43 35.04
C GLU D 115 -4.32 -4.27 33.98
N MET D 116 -4.12 -5.58 34.05
CA MET D 116 -4.66 -6.52 33.07
C MET D 116 -5.69 -7.42 33.76
N LYS D 117 -6.76 -7.71 33.04
CA LYS D 117 -7.82 -8.57 33.53
C LYS D 117 -7.52 -10.02 33.16
N LEU D 118 -7.57 -10.91 34.14
CA LEU D 118 -7.33 -12.31 33.90
C LEU D 118 -8.60 -12.99 33.40
N MET D 119 -8.43 -14.20 32.85
CA MET D 119 -9.55 -15.00 32.37
C MET D 119 -9.37 -16.44 32.87
N ASP D 120 -10.48 -17.13 33.08
CA ASP D 120 -10.47 -18.52 33.53
C ASP D 120 -10.59 -19.43 32.32
N LEU D 121 -9.62 -20.33 32.15
CA LEU D 121 -9.54 -21.21 30.99
C LEU D 121 -9.37 -22.66 31.44
N ASP D 122 -9.73 -23.59 30.55
CA ASP D 122 -9.54 -25.01 30.79
C ASP D 122 -8.10 -25.38 30.45
N VAL D 123 -7.37 -25.89 31.45
CA VAL D 123 -5.98 -26.26 31.26
C VAL D 123 -5.89 -27.63 30.60
N GLU D 124 -5.72 -27.65 29.29
CA GLU D 124 -5.60 -28.91 28.54
C GLU D 124 -4.13 -29.14 28.26
N GLN D 125 -3.52 -30.05 29.02
CA GLN D 125 -2.09 -30.33 28.90
C GLN D 125 -1.91 -31.52 27.97
N LEU D 126 -0.91 -31.44 27.10
CA LEU D 126 -0.60 -32.50 26.16
C LEU D 126 0.85 -32.94 26.37
N GLY D 127 1.05 -34.24 26.52
CA GLY D 127 2.38 -34.77 26.77
C GLY D 127 3.16 -35.02 25.50
N ILE D 128 4.09 -34.12 25.19
CA ILE D 128 4.93 -34.29 24.00
C ILE D 128 5.95 -35.40 24.24
N PRO D 129 6.32 -36.18 23.24
CA PRO D 129 7.34 -37.21 23.43
C PRO D 129 8.73 -36.72 23.08
N GLU D 130 9.70 -37.18 23.87
CA GLU D 130 11.10 -36.83 23.68
C GLU D 130 11.78 -37.97 22.91
N GLN D 131 12.29 -37.66 21.73
CA GLN D 131 12.90 -38.66 20.86
C GLN D 131 13.90 -38.01 19.93
N GLU D 132 14.79 -38.83 19.38
CA GLU D 132 15.80 -38.37 18.44
C GLU D 132 15.18 -38.16 17.06
N TYR D 133 15.91 -37.43 16.22
CA TYR D 133 15.43 -37.05 14.89
C TYR D 133 16.42 -37.49 13.84
N SER D 134 15.93 -37.68 12.61
CA SER D 134 16.76 -38.21 11.54
C SER D 134 17.75 -37.17 11.03
N CYS D 135 17.25 -36.07 10.48
CA CYS D 135 18.07 -35.00 9.95
C CYS D 135 17.84 -33.76 10.80
N VAL D 136 18.93 -33.15 11.27
CA VAL D 136 18.87 -31.98 12.13
C VAL D 136 19.73 -30.88 11.50
N VAL D 137 19.18 -29.67 11.43
CA VAL D 137 19.83 -28.56 10.75
C VAL D 137 19.83 -27.35 11.66
N LYS D 138 21.01 -26.77 11.88
CA LYS D 138 21.14 -25.46 12.49
C LYS D 138 21.73 -24.51 11.46
N MET D 139 21.11 -23.35 11.31
CA MET D 139 21.38 -22.46 10.21
C MET D 139 20.81 -21.08 10.55
N PRO D 140 21.36 -20.01 9.96
CA PRO D 140 21.03 -18.66 10.41
C PRO D 140 19.55 -18.34 10.32
N SER D 141 19.02 -17.71 11.37
CA SER D 141 17.59 -17.43 11.43
C SER D 141 17.15 -16.50 10.31
N GLY D 142 17.94 -15.47 10.02
CA GLY D 142 17.55 -14.53 8.98
C GLY D 142 17.41 -15.17 7.62
N GLU D 143 18.34 -16.07 7.28
CA GLU D 143 18.28 -16.74 5.98
C GLU D 143 17.03 -17.59 5.85
N PHE D 144 16.67 -18.32 6.91
CA PHE D 144 15.48 -19.15 6.87
C PHE D 144 14.23 -18.32 6.64
N ALA D 145 14.13 -17.17 7.32
CA ALA D 145 12.99 -16.30 7.11
C ALA D 145 12.94 -15.79 5.68
N ARG D 146 14.10 -15.44 5.13
CA ARG D 146 14.14 -14.99 3.74
C ARG D 146 13.69 -16.09 2.79
N ILE D 147 14.08 -17.33 3.06
CA ILE D 147 13.68 -18.44 2.20
C ILE D 147 12.17 -18.61 2.22
N CYS D 148 11.57 -18.54 3.40
CA CYS D 148 10.15 -18.79 3.52
C CYS D 148 9.32 -17.76 2.76
N ARG D 149 9.68 -16.48 2.88
CA ARG D 149 8.92 -15.46 2.18
C ARG D 149 9.10 -15.56 0.67
N ASP D 150 10.31 -15.90 0.22
CA ASP D 150 10.58 -15.98 -1.20
C ASP D 150 9.75 -17.06 -1.88
N LEU D 151 9.77 -18.28 -1.33
CA LEU D 151 9.01 -19.37 -1.92
C LEU D 151 7.51 -19.20 -1.73
N SER D 152 7.09 -18.32 -0.84
CA SER D 152 5.66 -18.10 -0.62
C SER D 152 4.97 -17.55 -1.85
N HIS D 153 5.72 -16.93 -2.77
CA HIS D 153 5.13 -16.39 -3.98
C HIS D 153 4.92 -17.45 -5.05
N ILE D 154 5.51 -18.63 -4.89
CA ILE D 154 5.43 -19.68 -5.89
C ILE D 154 4.30 -20.65 -5.58
N GLY D 155 4.36 -21.32 -4.44
CA GLY D 155 3.35 -22.30 -4.09
C GLY D 155 2.98 -22.27 -2.63
N ASP D 156 2.30 -23.31 -2.16
CA ASP D 156 1.86 -23.40 -0.77
C ASP D 156 2.35 -24.69 -0.14
N ALA D 157 3.49 -25.21 -0.63
CA ALA D 157 4.02 -26.48 -0.12
C ALA D 157 5.52 -26.50 -0.42
N VAL D 158 6.32 -26.44 0.64
CA VAL D 158 7.75 -26.60 0.51
C VAL D 158 8.12 -28.03 0.83
N VAL D 159 8.96 -28.64 0.01
CA VAL D 159 9.35 -30.04 0.18
C VAL D 159 10.75 -30.03 0.78
N ILE D 160 10.86 -30.49 2.03
CA ILE D 160 12.14 -30.56 2.69
C ILE D 160 12.87 -31.83 2.27
N SER D 161 14.17 -31.72 2.01
CA SER D 161 14.97 -32.86 1.62
C SER D 161 16.35 -32.73 2.26
N CYS D 162 16.56 -33.46 3.35
CA CYS D 162 17.89 -33.51 3.96
C CYS D 162 18.80 -34.32 3.04
N ALA D 163 19.82 -33.66 2.48
CA ALA D 163 20.63 -34.24 1.43
C ALA D 163 22.09 -34.33 1.86
N LYS D 164 22.94 -34.68 0.91
CA LYS D 164 24.36 -34.83 1.20
C LYS D 164 24.99 -33.52 1.62
N ASP D 165 24.72 -32.45 0.87
CA ASP D 165 25.37 -31.16 1.08
C ASP D 165 24.35 -30.08 1.42
N GLY D 166 23.33 -30.41 2.18
CA GLY D 166 22.42 -29.41 2.69
C GLY D 166 20.98 -29.80 2.44
N VAL D 167 20.13 -28.79 2.48
CA VAL D 167 18.70 -28.96 2.39
C VAL D 167 18.24 -28.54 0.99
N LYS D 168 17.07 -29.02 0.59
CA LYS D 168 16.58 -28.88 -0.77
C LYS D 168 15.20 -28.23 -0.79
N PHE D 169 15.07 -27.08 -0.13
CA PHE D 169 13.85 -26.30 -0.20
C PHE D 169 13.34 -26.24 -1.62
N SER D 170 12.10 -26.69 -1.82
CA SER D 170 11.55 -26.88 -3.16
C SER D 170 10.12 -26.33 -3.16
N ALA D 171 9.90 -25.30 -3.97
CA ALA D 171 8.56 -24.78 -4.17
C ALA D 171 8.00 -25.28 -5.50
N SER D 172 6.70 -25.55 -5.51
CA SER D 172 6.05 -26.08 -6.71
C SER D 172 4.65 -25.48 -6.78
N GLY D 173 4.53 -24.38 -7.53
CA GLY D 173 3.27 -23.73 -7.76
C GLY D 173 2.86 -23.73 -9.22
N GLU D 174 1.70 -23.15 -9.48
CA GLU D 174 1.22 -23.05 -10.85
C GLU D 174 2.07 -22.11 -11.69
N LEU D 175 2.62 -21.07 -11.06
CA LEU D 175 3.42 -20.11 -11.82
C LEU D 175 4.78 -20.68 -12.19
N GLY D 176 5.26 -21.67 -11.45
CA GLY D 176 6.55 -22.26 -11.74
C GLY D 176 7.00 -23.14 -10.59
N ASN D 177 8.26 -23.54 -10.64
CA ASN D 177 8.85 -24.35 -9.60
C ASN D 177 10.14 -23.69 -9.13
N GLY D 178 10.35 -23.68 -7.82
CA GLY D 178 11.54 -23.07 -7.26
C GLY D 178 12.30 -24.01 -6.34
N ASN D 179 13.55 -24.29 -6.69
CA ASN D 179 14.41 -25.13 -5.89
C ASN D 179 15.56 -24.30 -5.33
N ILE D 180 15.72 -24.32 -4.01
CA ILE D 180 16.80 -23.61 -3.33
C ILE D 180 17.57 -24.60 -2.48
N LYS D 181 18.88 -24.60 -2.62
CA LYS D 181 19.76 -25.48 -1.87
C LYS D 181 20.83 -24.65 -1.18
N LEU D 182 21.14 -25.00 0.07
CA LEU D 182 22.20 -24.35 0.82
C LEU D 182 23.35 -25.32 1.01
N SER D 183 24.55 -24.87 0.60
CA SER D 183 25.75 -25.68 0.72
C SER D 183 26.17 -25.76 2.18
N GLN D 184 26.45 -26.98 2.65
CA GLN D 184 26.86 -27.16 4.04
C GLN D 184 28.28 -26.65 4.23
N THR D 185 28.42 -25.58 5.00
CA THR D 185 29.72 -25.00 5.32
C THR D 185 29.91 -24.98 6.84
N SER D 186 31.07 -25.43 7.29
CA SER D 186 31.39 -25.45 8.71
C SER D 186 32.74 -24.83 9.04
N ASN D 187 33.57 -24.54 8.04
CA ASN D 187 34.88 -23.93 8.30
C ASN D 187 34.75 -22.51 8.83
N VAL D 188 33.58 -21.89 8.71
CA VAL D 188 33.40 -20.51 9.17
C VAL D 188 33.51 -20.48 10.69
N ASP D 189 34.36 -19.58 11.19
CA ASP D 189 34.52 -19.44 12.63
C ASP D 189 33.24 -18.91 13.28
N LYS D 190 32.56 -17.97 12.63
CA LYS D 190 31.31 -17.42 13.14
C LYS D 190 30.24 -18.49 13.07
N GLU D 191 29.88 -19.07 14.22
CA GLU D 191 28.86 -20.10 14.25
C GLU D 191 27.50 -19.56 13.81
N GLU D 192 27.26 -18.26 13.98
CA GLU D 192 26.01 -17.67 13.51
C GLU D 192 25.90 -17.78 11.99
N GLU D 193 26.98 -17.49 11.28
CA GLU D 193 27.00 -17.56 9.82
C GLU D 193 27.49 -18.92 9.32
N ALA D 194 26.88 -19.99 9.81
CA ALA D 194 27.24 -21.34 9.41
C ALA D 194 26.00 -22.22 9.40
N VAL D 195 26.06 -23.28 8.60
CA VAL D 195 24.98 -24.27 8.50
C VAL D 195 25.60 -25.63 8.76
N THR D 196 25.08 -26.33 9.77
CA THR D 196 25.57 -27.66 10.13
C THR D 196 24.40 -28.63 10.14
N ILE D 197 24.52 -29.74 9.42
CA ILE D 197 23.51 -30.78 9.37
C ILE D 197 24.15 -32.09 9.80
N GLU D 198 23.50 -32.78 10.73
CA GLU D 198 23.92 -34.11 11.16
C GLU D 198 23.01 -35.14 10.48
N MET D 199 23.62 -36.09 9.81
CA MET D 199 22.91 -37.03 8.94
C MET D 199 22.86 -38.41 9.56
N ASN D 200 21.65 -38.98 9.62
CA ASN D 200 21.44 -40.36 10.05
C ASN D 200 20.72 -41.21 9.02
N GLU D 201 19.69 -40.67 8.39
CA GLU D 201 18.96 -41.34 7.32
C GLU D 201 18.22 -40.28 6.52
N PRO D 202 18.14 -40.43 5.20
CA PRO D 202 17.42 -39.44 4.40
C PRO D 202 15.92 -39.57 4.59
N VAL D 203 15.25 -38.43 4.68
CA VAL D 203 13.80 -38.41 4.86
C VAL D 203 13.28 -37.11 4.23
N GLN D 204 12.16 -37.24 3.52
CA GLN D 204 11.60 -36.13 2.76
C GLN D 204 10.16 -35.91 3.20
N LEU D 205 9.82 -34.67 3.49
CA LEU D 205 8.49 -34.33 3.99
C LEU D 205 8.00 -33.07 3.28
N THR D 206 6.78 -32.65 3.61
CA THR D 206 6.18 -31.47 3.02
C THR D 206 5.29 -30.78 4.05
N PHE D 207 5.35 -29.46 4.08
CA PHE D 207 4.54 -28.66 4.98
C PHE D 207 4.03 -27.44 4.23
N ALA D 208 2.90 -26.91 4.69
CA ALA D 208 2.25 -25.77 4.06
C ALA D 208 3.04 -24.50 4.37
N LEU D 209 3.13 -23.61 3.38
CA LEU D 209 3.93 -22.40 3.56
C LEU D 209 3.23 -21.40 4.45
N ARG D 210 1.91 -21.49 4.59
CA ARG D 210 1.18 -20.49 5.38
C ARG D 210 1.66 -20.49 6.82
N TYR D 211 1.85 -21.67 7.41
CA TYR D 211 2.36 -21.72 8.78
C TYR D 211 3.82 -21.33 8.85
N LEU D 212 4.61 -21.65 7.83
CA LEU D 212 6.03 -21.35 7.89
C LEU D 212 6.28 -19.85 7.94
N ASN D 213 5.44 -19.06 7.26
CA ASN D 213 5.57 -17.62 7.34
C ASN D 213 5.33 -17.12 8.75
N PHE D 214 4.27 -17.63 9.40
CA PHE D 214 4.00 -17.25 10.78
C PHE D 214 5.13 -17.70 11.70
N PHE D 215 5.66 -18.91 11.46
CA PHE D 215 6.67 -19.47 12.35
C PHE D 215 7.90 -18.58 12.42
N THR D 216 8.17 -17.85 11.37
CA THR D 216 9.35 -16.97 11.31
C THR D 216 9.19 -15.72 12.12
N LYS D 217 8.00 -15.43 12.67
CA LYS D 217 7.78 -14.15 13.34
C LYS D 217 8.71 -13.94 14.53
N ALA D 218 9.28 -15.00 15.09
CA ALA D 218 10.21 -14.88 16.21
C ALA D 218 11.64 -14.67 15.74
N THR D 219 11.82 -14.10 14.54
CA THR D 219 13.16 -13.91 14.00
C THR D 219 14.07 -13.08 14.90
N PRO D 220 13.65 -11.92 15.43
CA PRO D 220 14.58 -11.12 16.24
C PRO D 220 14.99 -11.77 17.55
N LEU D 221 14.37 -12.89 17.94
CA LEU D 221 14.73 -13.54 19.20
C LEU D 221 16.17 -14.03 19.17
N SER D 222 16.58 -14.64 18.07
CA SER D 222 17.92 -15.20 17.97
C SER D 222 18.36 -15.24 16.51
N SER D 223 19.66 -15.38 16.31
CA SER D 223 20.23 -15.40 14.97
C SER D 223 20.27 -16.79 14.35
N THR D 224 20.18 -17.85 15.17
CA THR D 224 20.28 -19.21 14.68
C THR D 224 19.00 -19.96 15.02
N VAL D 225 18.53 -20.77 14.07
CA VAL D 225 17.32 -21.57 14.24
C VAL D 225 17.68 -23.03 13.95
N THR D 226 17.19 -23.94 14.79
CA THR D 226 17.47 -25.36 14.65
C THR D 226 16.23 -26.07 14.14
N LEU D 227 16.40 -26.89 13.10
CA LEU D 227 15.31 -27.66 12.52
C LEU D 227 15.62 -29.15 12.67
N SER D 228 14.64 -29.91 13.13
CA SER D 228 14.75 -31.36 13.25
C SER D 228 13.49 -32.01 12.70
N MET D 229 13.67 -33.02 11.86
CA MET D 229 12.53 -33.79 11.37
C MET D 229 12.95 -35.24 11.18
N SER D 230 11.93 -36.10 11.08
CA SER D 230 12.13 -37.52 10.87
C SER D 230 10.90 -38.05 10.13
N ALA D 231 10.89 -39.35 9.88
CA ALA D 231 9.76 -39.96 9.19
C ALA D 231 8.52 -39.93 10.06
N ASP D 232 7.42 -39.42 9.49
CA ASP D 232 6.12 -39.35 10.17
C ASP D 232 6.22 -38.65 11.52
N VAL D 233 7.03 -37.61 11.59
CA VAL D 233 7.22 -36.85 12.83
C VAL D 233 7.00 -35.37 12.52
N PRO D 234 6.27 -34.65 13.36
CA PRO D 234 6.05 -33.22 13.10
C PRO D 234 7.35 -32.44 13.05
N LEU D 235 7.36 -31.41 12.21
CA LEU D 235 8.53 -30.56 12.07
C LEU D 235 8.79 -29.80 13.36
N VAL D 236 10.07 -29.64 13.69
CA VAL D 236 10.49 -28.95 14.91
C VAL D 236 11.26 -27.71 14.53
N VAL D 237 10.80 -26.55 15.02
CA VAL D 237 11.49 -25.28 14.84
C VAL D 237 11.68 -24.70 16.22
N GLU D 238 12.93 -24.44 16.59
CA GLU D 238 13.27 -23.98 17.93
C GLU D 238 14.07 -22.69 17.85
N TYR D 239 13.77 -21.75 18.75
CA TYR D 239 14.52 -20.51 18.88
C TYR D 239 15.12 -20.45 20.28
N LYS D 240 16.42 -20.20 20.35
CA LYS D 240 17.10 -20.10 21.63
C LYS D 240 16.96 -18.68 22.17
N ILE D 241 16.32 -18.55 23.32
CA ILE D 241 16.01 -17.23 23.89
C ILE D 241 17.21 -16.82 24.74
N ALA D 242 18.24 -16.28 24.08
CA ALA D 242 19.47 -15.87 24.72
C ALA D 242 19.96 -16.96 25.68
N ASP D 243 20.13 -16.60 26.96
CA ASP D 243 20.36 -17.56 28.02
C ASP D 243 19.12 -17.72 28.90
N MET D 244 18.04 -17.00 28.59
CA MET D 244 16.79 -17.09 29.32
C MET D 244 16.14 -18.45 29.18
N GLY D 245 15.89 -18.89 27.95
CA GLY D 245 15.22 -20.14 27.71
C GLY D 245 15.15 -20.45 26.23
N HIS D 246 14.04 -21.03 25.79
CA HIS D 246 13.92 -21.46 24.41
C HIS D 246 12.45 -21.47 24.01
N LEU D 247 12.22 -21.41 22.71
CA LEU D 247 10.88 -21.49 22.13
C LEU D 247 10.90 -22.50 21.00
N LYS D 248 10.03 -23.49 21.08
CA LYS D 248 9.94 -24.54 20.09
C LYS D 248 8.63 -24.43 19.32
N TYR D 249 8.68 -24.74 18.04
CA TYR D 249 7.55 -24.55 17.14
C TYR D 249 7.28 -25.87 16.43
N TYR D 250 6.09 -26.42 16.60
CA TYR D 250 5.76 -27.75 16.10
C TYR D 250 4.75 -27.65 14.96
N LEU D 251 4.96 -28.47 13.93
CA LEU D 251 4.05 -28.57 12.79
C LEU D 251 4.12 -29.97 12.22
N ALA D 252 2.98 -30.65 12.20
CA ALA D 252 2.92 -31.99 11.61
C ALA D 252 2.89 -31.90 10.10
N PRO D 253 3.63 -32.75 9.38
CA PRO D 253 3.61 -32.70 7.92
C PRO D 253 2.27 -33.16 7.36
N LYS D 254 1.98 -32.71 6.15
CA LYS D 254 0.77 -33.16 5.47
C LYS D 254 0.88 -34.64 5.13
N ILE D 255 -0.27 -35.29 5.00
CA ILE D 255 -0.33 -36.64 4.48
C ILE D 255 -0.30 -36.56 2.96
N GLU D 256 0.70 -37.16 2.35
CA GLU D 256 0.86 -37.10 0.90
C GLU D 256 -0.29 -37.84 0.23
N ASP D 257 -1.16 -37.08 -0.43
CA ASP D 257 -2.29 -37.68 -1.12
C ASP D 257 -1.81 -38.50 -2.32
N GLU D 258 -2.62 -39.47 -2.70
CA GLU D 258 -2.30 -40.36 -3.83
C GLU D 258 -2.56 -39.64 -5.16
N GLU D 259 -1.81 -38.55 -5.36
CA GLU D 259 -1.95 -37.77 -6.59
C GLU D 259 -1.33 -38.48 -7.78
N GLY D 260 -0.40 -39.40 -7.56
CA GLY D 260 0.19 -40.13 -8.67
C GLY D 260 -0.80 -41.03 -9.39
N SER D 261 -1.73 -41.61 -8.64
CA SER D 261 -2.74 -42.50 -9.21
C SER D 261 -3.74 -41.70 -10.07
#